data_1OZB
#
_entry.id   1OZB
#
_cell.length_a   114.500
_cell.length_b   114.500
_cell.length_c   286.100
_cell.angle_alpha   90.00
_cell.angle_beta   90.00
_cell.angle_gamma   90.00
#
_symmetry.space_group_name_H-M   'P 41 21 2'
#
loop_
_entity.id
_entity.type
_entity.pdbx_description
1 polymer 'Protein-export protein secB'
2 polymer 'Preprotein translocase secA subunit'
3 non-polymer 'ZINC ION'
#
loop_
_entity_poly.entity_id
_entity_poly.type
_entity_poly.pdbx_seq_one_letter_code
_entity_poly.pdbx_strand_id
1 'polypeptide(L)'
;MSEQKQDVAATEEQQPVLQIQRIYVKDVSFEAPNLPHIFQQEWKPKLGFDLSTETTQVGDDLYEVVLNISVETTLEDSGD
VAFICEVKQAGVFTISGLEDVQMAHCLTSQCPNMLFPYARELVSNLVNRGTFPALNLSPVNFDALFVEYMNRQQAENAEE
KSEEEQTKH
;
A,B,C,D,E,F,G,H
2 'polypeptide(L)' RIGRNEPCPCGSGKKYKHCHGSRVARQ I,J
#
loop_
_chem_comp.id
_chem_comp.type
_chem_comp.name
_chem_comp.formula
ZN non-polymer 'ZINC ION' 'Zn 2'
#
# COMPACT_ATOMS: atom_id res chain seq x y z
N PRO A 16 17.06 -25.21 16.17
CA PRO A 16 16.68 -24.08 17.06
C PRO A 16 15.58 -23.18 16.47
N VAL A 17 15.65 -22.85 15.17
CA VAL A 17 14.63 -21.99 14.56
C VAL A 17 14.19 -22.28 13.11
N LEU A 18 12.86 -22.37 12.94
CA LEU A 18 12.19 -22.63 11.66
C LEU A 18 10.95 -21.73 11.60
N GLN A 19 11.04 -20.68 10.79
CA GLN A 19 9.96 -19.72 10.66
C GLN A 19 9.57 -19.50 9.21
N ILE A 20 8.28 -19.35 8.96
CA ILE A 20 7.79 -19.14 7.61
C ILE A 20 7.68 -17.62 7.38
N GLN A 21 8.43 -17.12 6.40
CA GLN A 21 8.45 -15.69 6.08
C GLN A 21 7.41 -15.26 5.07
N ARG A 22 7.27 -16.01 3.99
CA ARG A 22 6.32 -15.64 2.96
C ARG A 22 5.95 -16.86 2.12
N ILE A 23 4.66 -16.97 1.77
CA ILE A 23 4.15 -18.06 0.95
C ILE A 23 3.61 -17.44 -0.35
N TYR A 24 4.15 -17.85 -1.49
CA TYR A 24 3.72 -17.29 -2.77
C TYR A 24 3.84 -18.30 -3.90
N VAL A 25 3.20 -17.99 -5.01
CA VAL A 25 3.20 -18.85 -6.18
C VAL A 25 4.19 -18.27 -7.19
N LYS A 26 5.07 -19.08 -7.74
CA LYS A 26 6.04 -18.57 -8.72
C LYS A 26 5.56 -18.79 -10.14
N ASP A 27 4.82 -19.87 -10.35
CA ASP A 27 4.32 -20.20 -11.69
C ASP A 27 3.03 -21.01 -11.57
N VAL A 28 2.07 -20.71 -12.45
CA VAL A 28 0.80 -21.42 -12.45
C VAL A 28 0.36 -21.66 -13.88
N SER A 29 -0.20 -22.83 -14.15
CA SER A 29 -0.67 -23.11 -15.50
C SER A 29 -1.82 -24.10 -15.42
N PHE A 30 -2.90 -23.81 -16.15
CA PHE A 30 -4.05 -24.70 -16.18
C PHE A 30 -4.60 -24.66 -17.59
N GLU A 31 -4.75 -25.83 -18.20
CA GLU A 31 -5.28 -25.87 -19.55
C GLU A 31 -6.31 -26.97 -19.74
N ALA A 32 -7.39 -26.63 -20.43
CA ALA A 32 -8.45 -27.58 -20.74
C ALA A 32 -8.71 -27.35 -22.23
N PRO A 33 -7.84 -27.93 -23.08
CA PRO A 33 -7.90 -27.83 -24.53
C PRO A 33 -9.13 -28.34 -25.23
N ASN A 34 -9.74 -29.41 -24.71
CA ASN A 34 -10.89 -29.99 -25.36
C ASN A 34 -12.27 -29.56 -24.85
N LEU A 35 -12.43 -28.28 -24.53
CA LEU A 35 -13.73 -27.80 -24.07
C LEU A 35 -14.42 -27.07 -25.23
N PRO A 36 -15.76 -27.09 -25.23
CA PRO A 36 -16.64 -27.73 -24.26
C PRO A 36 -17.08 -29.16 -24.56
N HIS A 37 -16.72 -29.67 -25.73
CA HIS A 37 -17.12 -31.03 -26.12
C HIS A 37 -16.70 -32.17 -25.19
N ILE A 38 -15.57 -32.01 -24.51
CA ILE A 38 -15.10 -33.07 -23.62
C ILE A 38 -16.14 -33.40 -22.56
N PHE A 39 -17.05 -32.46 -22.30
CA PHE A 39 -18.06 -32.71 -21.28
C PHE A 39 -19.15 -33.62 -21.76
N GLN A 40 -19.04 -34.05 -23.01
CA GLN A 40 -20.01 -34.95 -23.63
C GLN A 40 -19.58 -36.40 -23.46
N GLN A 41 -18.32 -36.60 -23.11
CA GLN A 41 -17.78 -37.93 -22.92
C GLN A 41 -18.08 -38.44 -21.52
N GLU A 42 -17.97 -39.75 -21.32
CA GLU A 42 -18.22 -40.37 -20.03
C GLU A 42 -17.08 -39.99 -19.09
N TRP A 43 -17.41 -39.40 -17.94
CA TRP A 43 -16.36 -39.02 -17.03
C TRP A 43 -15.67 -40.21 -16.34
N LYS A 44 -14.75 -40.84 -17.06
CA LYS A 44 -13.95 -41.97 -16.56
C LYS A 44 -12.51 -41.42 -16.53
N PRO A 45 -12.18 -40.65 -15.50
CA PRO A 45 -10.87 -40.03 -15.33
C PRO A 45 -9.69 -40.90 -14.95
N LYS A 46 -8.55 -40.59 -15.55
CA LYS A 46 -7.29 -41.25 -15.28
C LYS A 46 -6.35 -40.12 -14.92
N LEU A 47 -5.96 -40.09 -13.65
CA LEU A 47 -5.11 -39.06 -13.08
C LEU A 47 -3.59 -39.27 -13.05
N GLY A 48 -2.85 -38.34 -13.64
CA GLY A 48 -1.40 -38.41 -13.64
C GLY A 48 -0.89 -37.33 -12.71
N PHE A 49 -0.13 -37.72 -11.69
CA PHE A 49 0.39 -36.77 -10.70
C PHE A 49 1.89 -36.77 -10.55
N ASP A 50 2.55 -35.67 -10.87
CA ASP A 50 4.00 -35.58 -10.74
C ASP A 50 4.33 -34.59 -9.64
N LEU A 51 5.40 -34.85 -8.88
CA LEU A 51 5.78 -33.98 -7.79
C LEU A 51 7.28 -33.94 -7.54
N SER A 52 7.79 -32.78 -7.13
CA SER A 52 9.21 -32.62 -6.84
C SER A 52 9.41 -31.33 -6.08
N THR A 53 10.54 -31.23 -5.40
CA THR A 53 10.86 -30.03 -4.64
C THR A 53 12.29 -29.57 -4.96
N GLU A 54 12.59 -28.31 -4.66
CA GLU A 54 13.91 -27.77 -4.88
C GLU A 54 14.12 -26.60 -3.93
N THR A 55 15.34 -26.44 -3.42
CA THR A 55 15.65 -25.37 -2.48
C THR A 55 16.70 -24.42 -3.01
N THR A 56 16.68 -23.19 -2.49
CA THR A 56 17.63 -22.17 -2.90
C THR A 56 17.86 -21.26 -1.71
N GLN A 57 19.11 -21.06 -1.35
CA GLN A 57 19.45 -20.17 -0.25
C GLN A 57 19.24 -18.78 -0.84
N VAL A 58 18.45 -17.96 -0.16
CA VAL A 58 18.14 -16.62 -0.65
C VAL A 58 18.64 -15.53 0.28
N GLY A 59 19.31 -15.93 1.35
CA GLY A 59 19.83 -14.97 2.29
C GLY A 59 20.47 -15.69 3.46
N ASP A 60 20.86 -14.95 4.49
CA ASP A 60 21.45 -15.63 5.62
C ASP A 60 20.32 -16.32 6.39
N ASP A 61 20.41 -17.64 6.45
CA ASP A 61 19.41 -18.46 7.13
C ASP A 61 18.04 -18.32 6.46
N LEU A 62 18.04 -17.80 5.24
CA LEU A 62 16.83 -17.61 4.45
C LEU A 62 16.84 -18.56 3.27
N TYR A 63 15.84 -19.44 3.20
CA TYR A 63 15.75 -20.41 2.11
C TYR A 63 14.41 -20.38 1.43
N GLU A 64 14.43 -20.45 0.11
CA GLU A 64 13.18 -20.50 -0.64
C GLU A 64 12.98 -21.95 -1.02
N VAL A 65 11.91 -22.56 -0.52
CA VAL A 65 11.60 -23.95 -0.85
C VAL A 65 10.47 -23.92 -1.88
N VAL A 66 10.66 -24.63 -2.98
CA VAL A 66 9.66 -24.67 -4.03
C VAL A 66 9.09 -26.06 -4.25
N LEU A 67 7.77 -26.16 -4.22
CA LEU A 67 7.05 -27.42 -4.41
C LEU A 67 6.48 -27.42 -5.83
N ASN A 68 6.94 -28.35 -6.65
CA ASN A 68 6.47 -28.46 -8.04
C ASN A 68 5.43 -29.56 -8.13
N ILE A 69 4.24 -29.20 -8.59
CA ILE A 69 3.17 -30.16 -8.74
C ILE A 69 2.65 -30.11 -10.16
N SER A 70 2.50 -31.29 -10.75
CA SER A 70 2.00 -31.41 -12.11
C SER A 70 0.87 -32.42 -12.07
N VAL A 71 -0.27 -32.05 -12.62
CA VAL A 71 -1.44 -32.92 -12.62
C VAL A 71 -2.10 -32.96 -13.98
N GLU A 72 -2.33 -34.16 -14.48
CA GLU A 72 -2.96 -34.32 -15.78
C GLU A 72 -4.06 -35.36 -15.69
N THR A 73 -5.24 -34.99 -16.18
CA THR A 73 -6.40 -35.90 -16.15
C THR A 73 -6.87 -36.16 -17.58
N THR A 74 -7.01 -37.44 -17.91
CA THR A 74 -7.49 -37.82 -19.24
C THR A 74 -8.65 -38.77 -19.04
N LEU A 75 -9.57 -38.83 -20.02
CA LEU A 75 -10.71 -39.75 -19.95
C LEU A 75 -10.22 -41.05 -20.58
N GLU A 76 -10.42 -42.17 -19.90
CA GLU A 76 -9.91 -43.43 -20.47
C GLU A 76 -10.51 -44.00 -21.73
N ASP A 77 -11.84 -43.99 -21.90
CA ASP A 77 -12.39 -44.55 -23.13
C ASP A 77 -12.29 -43.61 -24.32
N SER A 78 -11.21 -42.85 -24.37
CA SER A 78 -10.97 -41.89 -25.45
C SER A 78 -9.54 -41.34 -25.44
N GLY A 79 -8.90 -41.36 -24.28
CA GLY A 79 -7.54 -40.85 -24.19
C GLY A 79 -7.42 -39.33 -24.20
N ASP A 80 -8.51 -38.62 -24.52
CA ASP A 80 -8.52 -37.16 -24.55
C ASP A 80 -8.13 -36.53 -23.21
N VAL A 81 -7.40 -35.42 -23.28
CA VAL A 81 -7.01 -34.73 -22.05
C VAL A 81 -8.15 -33.83 -21.58
N ALA A 82 -8.55 -34.02 -20.32
CA ALA A 82 -9.61 -33.22 -19.73
C ALA A 82 -8.96 -31.87 -19.31
N PHE A 83 -7.87 -31.96 -18.54
CA PHE A 83 -7.14 -30.78 -18.13
C PHE A 83 -5.74 -31.14 -17.62
N ILE A 84 -4.84 -30.17 -17.72
CA ILE A 84 -3.48 -30.32 -17.23
C ILE A 84 -3.23 -29.13 -16.36
N CYS A 85 -2.68 -29.38 -15.18
CA CYS A 85 -2.43 -28.33 -14.22
C CYS A 85 -1.02 -28.41 -13.63
N GLU A 86 -0.25 -27.33 -13.77
CA GLU A 86 1.10 -27.27 -13.23
C GLU A 86 1.23 -26.12 -12.26
N VAL A 87 1.77 -26.39 -11.09
CA VAL A 87 1.89 -25.36 -10.11
C VAL A 87 3.24 -25.36 -9.44
N LYS A 88 3.76 -24.17 -9.19
CA LYS A 88 5.03 -24.00 -8.51
C LYS A 88 4.71 -23.18 -7.26
N GLN A 89 4.44 -23.88 -6.17
CA GLN A 89 4.10 -23.26 -4.89
C GLN A 89 5.38 -23.09 -4.10
N ALA A 90 5.64 -21.89 -3.61
CA ALA A 90 6.88 -21.64 -2.89
C ALA A 90 6.70 -20.92 -1.56
N GLY A 91 7.75 -20.96 -0.74
CA GLY A 91 7.72 -20.29 0.53
C GLY A 91 9.15 -19.94 0.91
N VAL A 92 9.31 -18.82 1.62
CA VAL A 92 10.63 -18.40 2.06
C VAL A 92 10.67 -18.70 3.55
N PHE A 93 11.65 -19.50 3.97
CA PHE A 93 11.77 -19.89 5.37
C PHE A 93 13.05 -19.43 6.03
N THR A 94 12.98 -19.18 7.34
CA THR A 94 14.15 -18.81 8.11
C THR A 94 14.49 -20.10 8.83
N ILE A 95 15.63 -20.70 8.48
CA ILE A 95 16.03 -21.96 9.10
C ILE A 95 17.45 -21.89 9.64
N SER A 96 17.66 -22.33 10.87
CA SER A 96 19.00 -22.33 11.43
C SER A 96 19.12 -23.18 12.69
N GLY A 97 20.32 -23.70 12.91
CA GLY A 97 20.59 -24.53 14.08
C GLY A 97 20.26 -25.99 13.86
N LEU A 98 20.60 -26.48 12.68
CA LEU A 98 20.34 -27.89 12.33
C LEU A 98 21.53 -28.60 11.69
N GLU A 99 21.79 -29.83 12.13
CA GLU A 99 22.89 -30.61 11.57
C GLU A 99 22.54 -30.93 10.11
N ASP A 100 23.56 -31.20 9.30
CA ASP A 100 23.37 -31.52 7.89
C ASP A 100 22.16 -32.37 7.55
N VAL A 101 21.96 -33.46 8.29
CA VAL A 101 20.82 -34.33 8.02
C VAL A 101 19.51 -33.70 8.46
N GLN A 102 19.47 -33.12 9.67
CA GLN A 102 18.26 -32.47 10.17
C GLN A 102 17.80 -31.39 9.18
N MET A 103 18.76 -30.66 8.63
CA MET A 103 18.52 -29.59 7.66
C MET A 103 17.97 -30.16 6.35
N ALA A 104 18.53 -31.29 5.91
CA ALA A 104 18.08 -31.92 4.67
C ALA A 104 16.65 -32.40 4.81
N HIS A 105 16.31 -32.90 5.98
CA HIS A 105 14.96 -33.38 6.21
C HIS A 105 14.00 -32.19 6.22
N CYS A 106 14.45 -31.09 6.81
CA CYS A 106 13.66 -29.87 6.88
C CYS A 106 13.38 -29.29 5.49
N LEU A 107 14.38 -29.28 4.61
CA LEU A 107 14.22 -28.72 3.27
C LEU A 107 13.49 -29.61 2.26
N THR A 108 13.55 -30.93 2.46
CA THR A 108 12.90 -31.84 1.52
C THR A 108 11.64 -32.51 2.04
N SER A 109 11.35 -32.33 3.33
CA SER A 109 10.17 -32.92 3.93
C SER A 109 9.29 -31.93 4.71
N GLN A 110 9.84 -31.38 5.80
CA GLN A 110 9.12 -30.43 6.64
C GLN A 110 8.54 -29.23 5.90
N CYS A 111 9.38 -28.49 5.19
CA CYS A 111 8.94 -27.32 4.47
C CYS A 111 7.97 -27.67 3.32
N PRO A 112 8.35 -28.64 2.46
CA PRO A 112 7.46 -29.01 1.36
C PRO A 112 6.10 -29.39 1.92
N ASN A 113 6.10 -30.01 3.08
CA ASN A 113 4.85 -30.44 3.68
C ASN A 113 3.98 -29.28 4.14
N MET A 114 4.61 -28.18 4.54
CA MET A 114 3.85 -27.00 4.95
C MET A 114 3.22 -26.36 3.72
N LEU A 115 3.94 -26.43 2.58
CA LEU A 115 3.47 -25.85 1.33
C LEU A 115 2.44 -26.66 0.57
N PHE A 116 2.38 -27.96 0.82
CA PHE A 116 1.44 -28.80 0.09
C PHE A 116 -0.02 -28.35 0.13
N PRO A 117 -0.57 -28.18 1.34
CA PRO A 117 -1.97 -27.77 1.47
C PRO A 117 -2.31 -26.49 0.70
N TYR A 118 -1.33 -25.62 0.53
CA TYR A 118 -1.60 -24.40 -0.23
C TYR A 118 -1.67 -24.79 -1.71
N ALA A 119 -0.77 -25.66 -2.16
CA ALA A 119 -0.77 -26.10 -3.55
C ALA A 119 -2.06 -26.89 -3.80
N ARG A 120 -2.47 -27.67 -2.81
CA ARG A 120 -3.69 -28.47 -2.93
C ARG A 120 -4.85 -27.58 -3.30
N GLU A 121 -5.05 -26.56 -2.47
CA GLU A 121 -6.15 -25.60 -2.66
C GLU A 121 -6.06 -24.87 -4.00
N LEU A 122 -4.85 -24.58 -4.46
CA LEU A 122 -4.65 -23.89 -5.73
C LEU A 122 -5.14 -24.80 -6.86
N VAL A 123 -4.70 -26.06 -6.84
CA VAL A 123 -5.08 -27.04 -7.87
C VAL A 123 -6.59 -27.17 -7.89
N SER A 124 -7.14 -27.30 -6.70
CA SER A 124 -8.57 -27.47 -6.46
C SER A 124 -9.34 -26.31 -7.09
N ASN A 125 -8.90 -25.10 -6.76
CA ASN A 125 -9.50 -23.86 -7.23
C ASN A 125 -9.53 -23.81 -8.77
N LEU A 126 -8.38 -24.07 -9.39
CA LEU A 126 -8.26 -24.05 -10.84
C LEU A 126 -9.14 -25.11 -11.51
N VAL A 127 -9.13 -26.33 -10.99
CA VAL A 127 -9.95 -27.39 -11.56
C VAL A 127 -11.42 -27.00 -11.52
N ASN A 128 -11.85 -26.41 -10.42
CA ASN A 128 -13.23 -25.99 -10.29
C ASN A 128 -13.60 -24.97 -11.37
N ARG A 129 -12.67 -24.09 -11.70
CA ARG A 129 -12.88 -23.05 -12.70
C ARG A 129 -13.13 -23.64 -14.09
N GLY A 130 -12.72 -24.89 -14.28
CA GLY A 130 -12.94 -25.52 -15.57
C GLY A 130 -14.23 -26.32 -15.51
N THR A 131 -14.92 -26.24 -14.37
CA THR A 131 -16.17 -26.95 -14.09
C THR A 131 -16.00 -28.46 -14.14
N PHE A 132 -14.84 -28.96 -13.74
CA PHE A 132 -14.61 -30.41 -13.70
C PHE A 132 -14.93 -30.88 -12.29
N PRO A 133 -15.24 -32.16 -12.13
CA PRO A 133 -15.53 -32.61 -10.76
C PRO A 133 -14.32 -32.35 -9.86
N ALA A 134 -14.59 -31.98 -8.62
CA ALA A 134 -13.56 -31.67 -7.63
C ALA A 134 -12.37 -32.63 -7.61
N LEU A 135 -11.19 -32.05 -7.46
CA LEU A 135 -9.94 -32.79 -7.39
C LEU A 135 -9.19 -32.26 -6.18
N ASN A 136 -9.18 -33.04 -5.10
CA ASN A 136 -8.49 -32.66 -3.87
C ASN A 136 -7.33 -33.60 -3.67
N LEU A 137 -6.15 -33.19 -4.10
CA LEU A 137 -4.93 -34.01 -3.99
C LEU A 137 -4.83 -34.74 -2.67
N SER A 138 -4.58 -36.05 -2.70
CA SER A 138 -4.44 -36.82 -1.46
C SER A 138 -3.13 -36.46 -0.77
N PRO A 139 -3.09 -36.58 0.55
CA PRO A 139 -1.88 -36.25 1.30
C PRO A 139 -0.67 -36.98 0.79
N VAL A 140 0.45 -36.29 0.81
CA VAL A 140 1.69 -36.90 0.37
C VAL A 140 2.65 -37.03 1.54
N ASN A 141 3.35 -38.15 1.58
CA ASN A 141 4.32 -38.39 2.63
C ASN A 141 5.65 -37.93 2.08
N PHE A 142 6.14 -36.82 2.62
CA PHE A 142 7.40 -36.28 2.15
C PHE A 142 8.58 -36.99 2.79
N ASP A 143 8.39 -37.54 3.99
CA ASP A 143 9.47 -38.25 4.64
C ASP A 143 10.07 -39.20 3.62
N ALA A 144 9.20 -39.83 2.85
CA ALA A 144 9.66 -40.77 1.84
C ALA A 144 10.54 -40.08 0.79
N LEU A 145 10.19 -38.86 0.40
CA LEU A 145 10.99 -38.13 -0.59
C LEU A 145 12.34 -37.78 0.02
N PHE A 146 12.34 -37.58 1.34
CA PHE A 146 13.55 -37.25 2.08
C PHE A 146 14.49 -38.44 2.03
N VAL A 147 13.93 -39.63 2.14
CA VAL A 147 14.72 -40.86 2.09
C VAL A 147 15.33 -41.03 0.71
N GLU A 148 14.61 -40.63 -0.33
CA GLU A 148 15.12 -40.73 -1.69
C GLU A 148 16.31 -39.80 -1.81
N TYR A 149 16.20 -38.60 -1.25
CA TYR A 149 17.28 -37.64 -1.31
C TYR A 149 18.55 -38.24 -0.70
N MET A 150 18.42 -38.76 0.50
CA MET A 150 19.55 -39.37 1.20
C MET A 150 20.19 -40.44 0.34
N ASN A 151 19.42 -41.47 0.02
CA ASN A 151 19.87 -42.58 -0.80
C ASN A 151 20.54 -42.17 -2.11
N ARG A 152 20.05 -41.11 -2.73
CA ARG A 152 20.62 -40.63 -4.00
C ARG A 152 21.92 -39.89 -3.75
N GLN A 153 22.11 -39.44 -2.51
CA GLN A 153 23.31 -38.72 -2.14
C GLN A 153 24.41 -39.68 -1.70
N GLN A 154 24.00 -40.76 -1.05
CA GLN A 154 24.94 -41.79 -0.59
C GLN A 154 25.49 -42.43 -1.86
N ALA A 155 24.83 -42.17 -2.98
CA ALA A 155 25.22 -42.71 -4.28
C ALA A 155 26.16 -41.78 -5.04
N GLU A 156 25.88 -40.49 -5.00
CA GLU A 156 26.73 -39.51 -5.69
C GLU A 156 28.03 -39.24 -4.91
N ASN A 157 27.93 -39.03 -3.60
CA ASN A 157 29.10 -38.77 -2.78
C ASN A 157 30.01 -39.98 -2.77
N ALA A 158 29.52 -41.10 -3.31
CA ALA A 158 30.28 -42.34 -3.37
C ALA A 158 30.60 -42.71 -4.82
N GLU A 159 31.48 -41.92 -5.44
CA GLU A 159 31.88 -42.17 -6.83
C GLU A 159 33.39 -42.39 -6.95
N GLN B 15 -39.41 -15.19 -30.40
CA GLN B 15 -38.90 -14.26 -29.34
C GLN B 15 -37.45 -14.60 -29.00
N PRO B 16 -36.54 -13.64 -29.22
CA PRO B 16 -35.10 -13.79 -28.95
C PRO B 16 -34.73 -14.37 -27.59
N VAL B 17 -33.65 -15.14 -27.57
CA VAL B 17 -33.19 -15.74 -26.33
C VAL B 17 -31.67 -15.72 -26.18
N LEU B 18 -31.23 -15.42 -24.97
CA LEU B 18 -29.82 -15.37 -24.61
C LEU B 18 -29.69 -16.03 -23.26
N GLN B 19 -29.17 -17.25 -23.26
CA GLN B 19 -29.01 -18.03 -22.04
C GLN B 19 -27.56 -18.48 -21.83
N ILE B 20 -27.15 -18.50 -20.56
CA ILE B 20 -25.80 -18.93 -20.21
C ILE B 20 -25.84 -20.42 -19.90
N GLN B 21 -25.12 -21.23 -20.67
CA GLN B 21 -25.10 -22.68 -20.45
C GLN B 21 -23.97 -23.11 -19.52
N ARG B 22 -22.77 -22.56 -19.75
CA ARG B 22 -21.63 -22.91 -18.92
C ARG B 22 -20.55 -21.83 -18.97
N ILE B 23 -19.87 -21.62 -17.85
CA ILE B 23 -18.79 -20.66 -17.76
C ILE B 23 -17.58 -21.47 -17.32
N TYR B 24 -16.49 -21.44 -18.08
CA TYR B 24 -15.31 -22.20 -17.73
C TYR B 24 -14.04 -21.56 -18.24
N VAL B 25 -12.91 -22.01 -17.73
CA VAL B 25 -11.63 -21.46 -18.15
C VAL B 25 -10.95 -22.48 -19.06
N LYS B 26 -10.53 -22.04 -20.24
CA LYS B 26 -9.88 -22.94 -21.19
C LYS B 26 -8.37 -22.96 -20.96
N ASP B 27 -7.81 -21.85 -20.50
CA ASP B 27 -6.37 -21.74 -20.27
C ASP B 27 -6.00 -20.61 -19.29
N VAL B 28 -5.02 -20.88 -18.44
CA VAL B 28 -4.56 -19.90 -17.46
C VAL B 28 -3.06 -20.00 -17.35
N SER B 29 -2.41 -18.85 -17.16
CA SER B 29 -0.97 -18.77 -17.00
C SER B 29 -0.65 -17.62 -16.09
N PHE B 30 0.23 -17.84 -15.14
CA PHE B 30 0.66 -16.78 -14.24
C PHE B 30 2.11 -17.07 -13.92
N GLU B 31 2.97 -16.09 -14.18
CA GLU B 31 4.39 -16.26 -13.96
C GLU B 31 4.99 -15.09 -13.20
N ALA B 32 5.81 -15.43 -12.20
CA ALA B 32 6.50 -14.46 -11.37
C ALA B 32 7.97 -14.88 -11.36
N PRO B 33 8.68 -14.56 -12.44
CA PRO B 33 10.10 -14.83 -12.74
C PRO B 33 11.12 -14.46 -11.67
N ASN B 34 11.07 -13.19 -11.25
CA ASN B 34 12.03 -12.63 -10.30
C ASN B 34 11.71 -12.68 -8.81
N LEU B 35 11.15 -13.78 -8.33
CA LEU B 35 10.85 -13.92 -6.90
C LEU B 35 11.95 -14.73 -6.22
N PRO B 36 12.25 -14.42 -4.95
CA PRO B 36 11.63 -13.38 -4.13
C PRO B 36 12.33 -12.03 -4.13
N HIS B 37 13.45 -11.90 -4.82
CA HIS B 37 14.16 -10.63 -4.82
C HIS B 37 13.39 -9.41 -5.34
N ILE B 38 12.50 -9.60 -6.31
CA ILE B 38 11.74 -8.47 -6.83
C ILE B 38 11.02 -7.74 -5.70
N PHE B 39 10.78 -8.45 -4.61
CA PHE B 39 10.09 -7.88 -3.44
C PHE B 39 10.90 -6.82 -2.73
N GLN B 40 12.17 -6.68 -3.10
CA GLN B 40 13.06 -5.71 -2.48
C GLN B 40 13.09 -4.39 -3.22
N GLN B 41 12.59 -4.38 -4.44
CA GLN B 41 12.56 -3.16 -5.23
C GLN B 41 11.38 -2.32 -4.79
N GLU B 42 11.39 -1.05 -5.16
CA GLU B 42 10.28 -0.20 -4.78
C GLU B 42 9.12 -0.52 -5.71
N TRP B 43 7.97 -0.78 -5.12
CA TRP B 43 6.80 -1.11 -5.89
C TRP B 43 6.27 0.07 -6.70
N LYS B 44 6.87 0.30 -7.87
CA LYS B 44 6.42 1.37 -8.76
C LYS B 44 6.00 0.61 -10.02
N PRO B 45 4.77 0.07 -10.02
CA PRO B 45 4.21 -0.71 -11.12
C PRO B 45 3.83 -0.02 -12.41
N LYS B 46 4.08 -0.71 -13.51
CA LYS B 46 3.75 -0.25 -14.86
C LYS B 46 2.95 -1.42 -15.44
N LEU B 47 1.64 -1.22 -15.60
CA LEU B 47 0.73 -2.26 -16.08
C LEU B 47 0.44 -2.31 -17.59
N GLY B 48 0.70 -3.46 -18.20
CA GLY B 48 0.42 -3.67 -19.61
C GLY B 48 -0.81 -4.56 -19.67
N PHE B 49 -1.85 -4.11 -20.38
CA PHE B 49 -3.10 -4.86 -20.44
C PHE B 49 -3.61 -5.10 -21.86
N ASP B 50 -3.70 -6.37 -22.27
CA ASP B 50 -4.20 -6.67 -23.60
C ASP B 50 -5.50 -7.47 -23.50
N LEU B 51 -6.42 -7.20 -24.43
CA LEU B 51 -7.71 -7.87 -24.43
C LEU B 51 -8.24 -8.19 -25.83
N SER B 52 -8.98 -9.29 -25.95
CA SER B 52 -9.55 -9.67 -27.24
C SER B 52 -10.58 -10.77 -27.04
N THR B 53 -11.49 -10.90 -28.00
CA THR B 53 -12.52 -11.93 -27.91
C THR B 53 -12.64 -12.69 -29.22
N GLU B 54 -13.21 -13.89 -29.14
CA GLU B 54 -13.39 -14.73 -30.31
C GLU B 54 -14.55 -15.66 -30.05
N THR B 55 -15.33 -15.91 -31.09
CA THR B 55 -16.51 -16.77 -30.98
C THR B 55 -16.43 -17.98 -31.88
N THR B 56 -17.18 -19.01 -31.53
CA THR B 56 -17.22 -20.23 -32.31
C THR B 56 -18.54 -20.92 -32.05
N GLN B 57 -19.26 -21.26 -33.11
CA GLN B 57 -20.52 -21.95 -32.92
C GLN B 57 -20.17 -23.38 -32.59
N VAL B 58 -20.74 -23.88 -31.51
CA VAL B 58 -20.45 -25.23 -31.06
C VAL B 58 -21.69 -26.12 -31.11
N GLY B 59 -22.77 -25.59 -31.67
CA GLY B 59 -24.00 -26.36 -31.77
C GLY B 59 -25.11 -25.51 -32.36
N ASP B 60 -26.33 -26.03 -32.37
CA ASP B 60 -27.45 -25.27 -32.89
C ASP B 60 -27.80 -24.21 -31.86
N ASP B 61 -27.62 -22.94 -32.23
CA ASP B 61 -27.92 -21.85 -31.30
C ASP B 61 -26.96 -21.85 -30.11
N LEU B 62 -25.88 -22.62 -30.20
CA LEU B 62 -24.91 -22.69 -29.13
C LEU B 62 -23.59 -22.13 -29.58
N TYR B 63 -23.12 -21.10 -28.89
CA TYR B 63 -21.87 -20.45 -29.25
C TYR B 63 -20.96 -20.37 -28.05
N GLU B 64 -19.67 -20.58 -28.28
CA GLU B 64 -18.69 -20.48 -27.23
C GLU B 64 -18.00 -19.15 -27.41
N VAL B 65 -18.17 -18.24 -26.45
CA VAL B 65 -17.52 -16.96 -26.56
C VAL B 65 -16.29 -17.02 -25.64
N VAL B 66 -15.16 -16.55 -26.16
CA VAL B 66 -13.92 -16.60 -25.42
C VAL B 66 -13.34 -15.21 -25.20
N LEU B 67 -13.03 -14.89 -23.94
CA LEU B 67 -12.45 -13.61 -23.58
C LEU B 67 -10.99 -13.81 -23.22
N ASN B 68 -10.10 -13.20 -24.01
CA ASN B 68 -8.67 -13.33 -23.75
C ASN B 68 -8.14 -12.07 -23.08
N ILE B 69 -7.49 -12.25 -21.94
CA ILE B 69 -6.95 -11.14 -21.22
C ILE B 69 -5.49 -11.43 -20.90
N SER B 70 -4.65 -10.46 -21.21
CA SER B 70 -3.22 -10.58 -20.98
C SER B 70 -2.79 -9.41 -20.10
N VAL B 71 -2.07 -9.72 -19.03
CA VAL B 71 -1.62 -8.70 -18.11
C VAL B 71 -0.15 -8.84 -17.75
N GLU B 72 0.59 -7.76 -17.89
CA GLU B 72 2.02 -7.76 -17.57
C GLU B 72 2.36 -6.54 -16.70
N THR B 73 2.99 -6.77 -15.57
CA THR B 73 3.34 -5.66 -14.71
C THR B 73 4.84 -5.62 -14.47
N THR B 74 5.42 -4.46 -14.73
CA THR B 74 6.84 -4.26 -14.55
C THR B 74 7.07 -3.14 -13.56
N LEU B 75 8.22 -3.17 -12.89
CA LEU B 75 8.63 -2.14 -11.94
C LEU B 75 9.43 -1.10 -12.77
N GLU B 76 9.00 0.16 -12.75
CA GLU B 76 9.64 1.21 -13.54
C GLU B 76 11.12 1.51 -13.36
N ASP B 77 11.58 1.69 -12.14
CA ASP B 77 12.99 2.00 -11.99
C ASP B 77 13.93 0.80 -12.07
N SER B 78 13.60 -0.16 -12.93
CA SER B 78 14.45 -1.33 -13.13
C SER B 78 14.02 -2.12 -14.36
N GLY B 79 12.77 -1.96 -14.77
CA GLY B 79 12.28 -2.66 -15.95
C GLY B 79 11.97 -4.14 -15.71
N ASP B 80 12.32 -4.65 -14.52
CA ASP B 80 12.06 -6.04 -14.16
C ASP B 80 10.59 -6.44 -14.22
N VAL B 81 10.31 -7.68 -14.63
CA VAL B 81 8.93 -8.15 -14.69
C VAL B 81 8.53 -8.60 -13.30
N ALA B 82 7.40 -8.08 -12.82
CA ALA B 82 6.91 -8.46 -11.50
C ALA B 82 6.10 -9.75 -11.70
N PHE B 83 5.21 -9.70 -12.69
CA PHE B 83 4.38 -10.86 -13.03
C PHE B 83 3.68 -10.72 -14.38
N ILE B 84 3.42 -11.86 -15.01
CA ILE B 84 2.72 -11.94 -16.29
C ILE B 84 1.53 -12.85 -16.03
N CYS B 85 0.35 -12.47 -16.50
CA CYS B 85 -0.82 -13.28 -16.30
C CYS B 85 -1.70 -13.28 -17.54
N GLU B 86 -1.98 -14.48 -18.07
CA GLU B 86 -2.82 -14.61 -19.25
C GLU B 86 -3.97 -15.53 -18.91
N VAL B 87 -5.18 -15.09 -19.24
CA VAL B 87 -6.39 -15.86 -18.96
C VAL B 87 -7.27 -15.98 -20.20
N LYS B 88 -7.80 -17.18 -20.41
CA LYS B 88 -8.69 -17.44 -21.54
C LYS B 88 -10.00 -17.88 -20.90
N GLN B 89 -10.84 -16.90 -20.60
CA GLN B 89 -12.11 -17.13 -19.95
C GLN B 89 -13.18 -17.36 -21.01
N ALA B 90 -13.94 -18.43 -20.88
CA ALA B 90 -14.96 -18.74 -21.87
C ALA B 90 -16.33 -19.07 -21.30
N GLY B 91 -17.32 -19.08 -22.20
CA GLY B 91 -18.67 -19.41 -21.81
C GLY B 91 -19.44 -19.94 -23.00
N VAL B 92 -20.36 -20.87 -22.77
CA VAL B 92 -21.19 -21.42 -23.84
C VAL B 92 -22.56 -20.77 -23.68
N PHE B 93 -23.03 -20.08 -24.70
CA PHE B 93 -24.32 -19.42 -24.61
C PHE B 93 -25.28 -19.92 -25.67
N THR B 94 -26.56 -19.85 -25.33
CA THR B 94 -27.64 -20.22 -26.24
C THR B 94 -28.15 -18.88 -26.76
N ILE B 95 -27.94 -18.62 -28.05
CA ILE B 95 -28.39 -17.36 -28.62
C ILE B 95 -29.20 -17.58 -29.90
N SER B 96 -30.33 -16.93 -30.00
CA SER B 96 -31.18 -17.07 -31.17
C SER B 96 -32.18 -15.94 -31.30
N GLY B 97 -32.57 -15.63 -32.54
CA GLY B 97 -33.55 -14.59 -32.79
C GLY B 97 -32.99 -13.19 -32.89
N LEU B 98 -31.82 -13.03 -33.51
CA LEU B 98 -31.24 -11.70 -33.63
C LEU B 98 -30.76 -11.45 -35.05
N GLU B 99 -30.91 -10.21 -35.50
CA GLU B 99 -30.47 -9.85 -36.85
C GLU B 99 -28.95 -9.79 -36.85
N ASP B 100 -28.34 -9.99 -38.02
CA ASP B 100 -26.89 -9.98 -38.15
C ASP B 100 -26.15 -8.99 -37.25
N VAL B 101 -26.64 -7.75 -37.19
CA VAL B 101 -25.99 -6.71 -36.39
C VAL B 101 -26.21 -6.97 -34.89
N GLN B 102 -27.45 -7.27 -34.53
CA GLN B 102 -27.83 -7.57 -33.16
C GLN B 102 -26.96 -8.70 -32.61
N MET B 103 -26.83 -9.76 -33.39
CA MET B 103 -26.05 -10.92 -33.00
C MET B 103 -24.57 -10.57 -32.84
N ALA B 104 -24.04 -9.75 -33.75
CA ALA B 104 -22.63 -9.37 -33.68
C ALA B 104 -22.34 -8.60 -32.39
N HIS B 105 -23.30 -7.78 -31.97
CA HIS B 105 -23.14 -7.00 -30.75
C HIS B 105 -23.18 -7.94 -29.55
N CYS B 106 -24.05 -8.94 -29.63
CA CYS B 106 -24.21 -9.92 -28.58
C CYS B 106 -22.95 -10.78 -28.40
N LEU B 107 -22.30 -11.13 -29.50
CA LEU B 107 -21.11 -11.97 -29.43
C LEU B 107 -19.81 -11.23 -29.16
N THR B 108 -19.75 -9.94 -29.48
CA THR B 108 -18.53 -9.17 -29.27
C THR B 108 -18.60 -8.19 -28.10
N SER B 109 -19.79 -7.98 -27.56
CA SER B 109 -19.95 -7.07 -26.46
C SER B 109 -20.74 -7.65 -25.30
N GLN B 110 -21.99 -8.02 -25.55
CA GLN B 110 -22.82 -8.59 -24.50
C GLN B 110 -22.18 -9.74 -23.75
N CYS B 111 -21.86 -10.82 -24.47
CA CYS B 111 -21.27 -11.98 -23.86
C CYS B 111 -19.92 -11.72 -23.21
N PRO B 112 -18.98 -11.10 -23.95
CA PRO B 112 -17.68 -10.83 -23.35
C PRO B 112 -17.86 -10.07 -22.06
N ASN B 113 -18.85 -9.19 -22.04
CA ASN B 113 -19.10 -8.41 -20.86
C ASN B 113 -19.55 -9.28 -19.67
N MET B 114 -20.30 -10.33 -19.95
CA MET B 114 -20.75 -11.21 -18.88
C MET B 114 -19.56 -12.02 -18.35
N LEU B 115 -18.61 -12.30 -19.23
CA LEU B 115 -17.44 -13.07 -18.88
C LEU B 115 -16.37 -12.28 -18.14
N PHE B 116 -16.29 -10.99 -18.41
CA PHE B 116 -15.28 -10.15 -17.81
C PHE B 116 -15.11 -10.28 -16.30
N PRO B 117 -16.16 -10.01 -15.52
CA PRO B 117 -15.96 -10.15 -14.08
C PRO B 117 -15.35 -11.48 -13.64
N TYR B 118 -15.64 -12.56 -14.36
CA TYR B 118 -15.07 -13.86 -14.03
C TYR B 118 -13.58 -13.82 -14.27
N ALA B 119 -13.18 -13.30 -15.42
CA ALA B 119 -11.77 -13.20 -15.73
C ALA B 119 -11.06 -12.26 -14.76
N ARG B 120 -11.74 -11.17 -14.40
CA ARG B 120 -11.17 -10.20 -13.48
C ARG B 120 -10.80 -10.87 -12.17
N GLU B 121 -11.74 -11.65 -11.62
CA GLU B 121 -11.56 -12.36 -10.35
C GLU B 121 -10.43 -13.37 -10.46
N LEU B 122 -10.27 -14.00 -11.63
CA LEU B 122 -9.20 -14.99 -11.80
C LEU B 122 -7.86 -14.29 -11.79
N VAL B 123 -7.78 -13.15 -12.46
CA VAL B 123 -6.54 -12.40 -12.47
C VAL B 123 -6.21 -11.94 -11.05
N SER B 124 -7.18 -11.36 -10.34
CA SER B 124 -6.92 -10.90 -8.98
C SER B 124 -6.51 -12.06 -8.06
N ASN B 125 -7.15 -13.21 -8.23
CA ASN B 125 -6.88 -14.37 -7.40
C ASN B 125 -5.41 -14.78 -7.56
N LEU B 126 -4.99 -14.94 -8.81
CA LEU B 126 -3.61 -15.35 -9.11
C LEU B 126 -2.56 -14.33 -8.64
N VAL B 127 -2.81 -13.04 -8.87
CA VAL B 127 -1.86 -12.04 -8.45
C VAL B 127 -1.69 -12.08 -6.93
N ASN B 128 -2.80 -12.18 -6.21
CA ASN B 128 -2.74 -12.26 -4.75
C ASN B 128 -1.91 -13.47 -4.32
N ARG B 129 -1.96 -14.56 -5.07
CA ARG B 129 -1.19 -15.74 -4.73
C ARG B 129 0.30 -15.52 -4.87
N GLY B 130 0.68 -14.51 -5.64
CA GLY B 130 2.09 -14.20 -5.78
C GLY B 130 2.48 -13.15 -4.76
N THR B 131 1.52 -12.85 -3.87
CA THR B 131 1.65 -11.84 -2.81
C THR B 131 2.00 -10.47 -3.35
N PHE B 132 1.38 -10.11 -4.45
CA PHE B 132 1.63 -8.79 -5.02
C PHE B 132 0.45 -7.95 -4.58
N PRO B 133 0.62 -6.63 -4.53
CA PRO B 133 -0.55 -5.85 -4.12
C PRO B 133 -1.72 -6.03 -5.10
N ALA B 134 -2.93 -6.06 -4.56
CA ALA B 134 -4.16 -6.23 -5.34
C ALA B 134 -4.21 -5.57 -6.72
N LEU B 135 -4.74 -6.31 -7.70
CA LEU B 135 -4.91 -5.80 -9.04
C LEU B 135 -6.29 -6.19 -9.50
N ASN B 136 -7.20 -5.22 -9.48
CA ASN B 136 -8.56 -5.47 -9.92
C ASN B 136 -8.76 -4.69 -11.20
N LEU B 137 -8.70 -5.39 -12.33
CA LEU B 137 -8.88 -4.77 -13.63
C LEU B 137 -10.07 -3.81 -13.67
N SER B 138 -9.84 -2.62 -14.22
CA SER B 138 -10.90 -1.61 -14.32
C SER B 138 -11.94 -2.07 -15.34
N PRO B 139 -13.18 -1.62 -15.18
CA PRO B 139 -14.28 -1.98 -16.08
C PRO B 139 -13.90 -1.72 -17.54
N VAL B 140 -14.33 -2.62 -18.42
CA VAL B 140 -14.05 -2.48 -19.85
C VAL B 140 -15.35 -2.20 -20.58
N ASN B 141 -15.35 -1.16 -21.41
CA ASN B 141 -16.51 -0.80 -22.19
C ASN B 141 -16.39 -1.58 -23.49
N PHE B 142 -17.06 -2.73 -23.55
CA PHE B 142 -16.99 -3.59 -24.73
C PHE B 142 -17.67 -3.04 -25.97
N ASP B 143 -18.48 -2.00 -25.84
CA ASP B 143 -19.13 -1.42 -27.01
C ASP B 143 -18.06 -0.80 -27.91
N ALA B 144 -16.95 -0.40 -27.30
CA ALA B 144 -15.86 0.19 -28.06
C ALA B 144 -15.34 -0.92 -28.98
N LEU B 145 -15.38 -2.15 -28.48
CA LEU B 145 -14.92 -3.31 -29.23
C LEU B 145 -15.93 -3.75 -30.29
N PHE B 146 -17.14 -3.21 -30.21
CA PHE B 146 -18.19 -3.55 -31.18
C PHE B 146 -18.05 -2.64 -32.39
N VAL B 147 -17.87 -1.35 -32.12
CA VAL B 147 -17.71 -0.36 -33.17
C VAL B 147 -16.53 -0.74 -34.07
N GLU B 148 -15.48 -1.28 -33.47
CA GLU B 148 -14.29 -1.70 -34.20
C GLU B 148 -14.60 -2.91 -35.08
N TYR B 149 -15.33 -3.86 -34.51
CA TYR B 149 -15.69 -5.08 -35.23
C TYR B 149 -16.53 -4.82 -36.47
N MET B 150 -17.46 -3.88 -36.37
CA MET B 150 -18.34 -3.55 -37.48
C MET B 150 -17.58 -3.13 -38.74
N ASN B 151 -16.62 -2.22 -38.57
CA ASN B 151 -15.84 -1.74 -39.71
C ASN B 151 -15.00 -2.87 -40.30
N PRO C 16 -4.63 -48.06 8.99
CA PRO C 16 -4.31 -46.62 9.16
C PRO C 16 -4.67 -45.84 7.90
N VAL C 17 -5.67 -44.96 7.99
CA VAL C 17 -6.12 -44.19 6.82
C VAL C 17 -6.52 -42.73 7.05
N LEU C 18 -6.36 -41.92 5.99
CA LEU C 18 -6.72 -40.50 6.04
C LEU C 18 -6.94 -40.00 4.63
N GLN C 19 -8.21 -39.89 4.24
CA GLN C 19 -8.58 -39.44 2.90
C GLN C 19 -9.57 -38.28 2.93
N ILE C 20 -9.42 -37.39 1.95
CA ILE C 20 -10.31 -36.24 1.85
C ILE C 20 -11.44 -36.61 0.91
N GLN C 21 -12.67 -36.62 1.42
CA GLN C 21 -13.85 -36.94 0.62
C GLN C 21 -14.45 -35.72 -0.06
N ARG C 22 -14.56 -34.63 0.68
CA ARG C 22 -15.14 -33.42 0.11
C ARG C 22 -14.77 -32.20 0.95
N ILE C 23 -14.55 -31.08 0.28
CA ILE C 23 -14.23 -29.83 0.97
C ILE C 23 -15.25 -28.78 0.51
N TYR C 24 -15.96 -28.17 1.46
CA TYR C 24 -16.99 -27.20 1.11
C TYR C 24 -17.21 -26.19 2.22
N VAL C 25 -17.94 -25.12 1.92
CA VAL C 25 -18.21 -24.13 2.93
C VAL C 25 -19.64 -24.29 3.41
N LYS C 26 -19.84 -24.23 4.72
CA LYS C 26 -21.18 -24.37 5.27
C LYS C 26 -21.80 -23.01 5.53
N ASP C 27 -20.97 -22.02 5.85
CA ASP C 27 -21.50 -20.69 6.12
C ASP C 27 -20.46 -19.62 5.83
N VAL C 28 -20.90 -18.51 5.23
CA VAL C 28 -20.00 -17.41 4.93
C VAL C 28 -20.71 -16.09 5.13
N SER C 29 -19.98 -15.11 5.67
CA SER C 29 -20.49 -13.76 5.90
C SER C 29 -19.40 -12.70 5.74
N PHE C 30 -19.70 -11.66 4.97
CA PHE C 30 -18.76 -10.54 4.80
C PHE C 30 -19.61 -9.29 4.89
N GLU C 31 -19.18 -8.35 5.74
CA GLU C 31 -19.90 -7.08 5.90
C GLU C 31 -18.95 -5.91 5.94
N ALA C 32 -19.34 -4.87 5.20
CA ALA C 32 -18.58 -3.62 5.13
C ALA C 32 -19.63 -2.52 5.32
N PRO C 33 -20.05 -2.29 6.58
CA PRO C 33 -21.05 -1.32 7.04
C PRO C 33 -20.84 0.14 6.61
N ASN C 34 -19.64 0.65 6.81
CA ASN C 34 -19.36 2.04 6.52
C ASN C 34 -18.78 2.40 5.17
N LEU C 35 -19.34 1.81 4.12
CA LEU C 35 -18.87 2.13 2.77
C LEU C 35 -19.87 3.07 2.12
N PRO C 36 -19.42 3.97 1.24
CA PRO C 36 -18.03 4.16 0.81
C PRO C 36 -17.15 5.14 1.61
N HIS C 37 -17.75 5.90 2.53
CA HIS C 37 -16.99 6.88 3.30
C HIS C 37 -15.76 6.39 4.07
N ILE C 38 -15.78 5.16 4.57
CA ILE C 38 -14.64 4.64 5.32
C ILE C 38 -13.37 4.72 4.46
N PHE C 39 -13.55 4.74 3.15
CA PHE C 39 -12.44 4.81 2.21
C PHE C 39 -11.70 6.13 2.28
N GLN C 40 -12.25 7.10 3.00
CA GLN C 40 -11.61 8.40 3.12
C GLN C 40 -10.76 8.52 4.37
N GLN C 41 -10.87 7.57 5.28
CA GLN C 41 -10.06 7.60 6.49
C GLN C 41 -8.67 7.06 6.16
N GLU C 42 -7.71 7.30 7.04
CA GLU C 42 -6.38 6.79 6.79
C GLU C 42 -6.41 5.30 7.12
N TRP C 43 -5.92 4.49 6.19
CA TRP C 43 -5.90 3.04 6.37
C TRP C 43 -4.89 2.61 7.41
N LYS C 44 -5.28 2.68 8.68
CA LYS C 44 -4.43 2.25 9.77
C LYS C 44 -5.24 1.13 10.44
N PRO C 45 -5.17 -0.08 9.86
CA PRO C 45 -5.86 -1.30 10.29
C PRO C 45 -5.49 -1.97 11.61
N LYS C 46 -6.52 -2.41 12.33
CA LYS C 46 -6.39 -3.15 13.59
C LYS C 46 -7.17 -4.45 13.35
N LEU C 47 -6.46 -5.56 13.21
CA LEU C 47 -7.10 -6.82 12.92
C LEU C 47 -7.44 -7.71 14.10
N GLY C 48 -8.68 -8.17 14.15
CA GLY C 48 -9.11 -9.08 15.20
C GLY C 48 -9.34 -10.41 14.53
N PHE C 49 -8.69 -11.46 15.02
CA PHE C 49 -8.80 -12.78 14.39
C PHE C 49 -9.16 -13.87 15.38
N ASP C 50 -10.29 -14.53 15.15
CA ASP C 50 -10.75 -15.61 16.03
C ASP C 50 -10.81 -16.90 15.24
N LEU C 51 -10.42 -18.00 15.87
CA LEU C 51 -10.41 -19.30 15.22
C LEU C 51 -10.82 -20.44 16.16
N SER C 52 -11.41 -21.47 15.58
CA SER C 52 -11.85 -22.63 16.36
C SER C 52 -12.26 -23.75 15.42
N THR C 53 -12.27 -24.98 15.93
CA THR C 53 -12.65 -26.11 15.12
C THR C 53 -13.61 -27.02 15.87
N GLU C 54 -14.31 -27.87 15.14
CA GLU C 54 -15.26 -28.79 15.72
C GLU C 54 -15.42 -29.98 14.77
N THR C 55 -15.61 -31.16 15.34
CA THR C 55 -15.77 -32.35 14.52
C THR C 55 -17.09 -33.06 14.79
N THR C 56 -17.55 -33.81 13.80
CA THR C 56 -18.79 -34.55 13.88
C THR C 56 -18.67 -35.80 13.05
N GLN C 57 -18.94 -36.96 13.65
CA GLN C 57 -18.88 -38.19 12.90
C GLN C 57 -20.15 -38.18 12.05
N VAL C 58 -19.99 -38.35 10.75
CA VAL C 58 -21.11 -38.30 9.83
C VAL C 58 -21.36 -39.66 9.17
N GLY C 59 -20.60 -40.67 9.59
CA GLY C 59 -20.74 -42.00 9.05
C GLY C 59 -19.69 -42.96 9.59
N ASP C 60 -19.55 -44.13 8.97
CA ASP C 60 -18.54 -45.09 9.40
C ASP C 60 -17.19 -44.60 8.93
N ASP C 61 -16.33 -44.21 9.85
CA ASP C 61 -15.00 -43.72 9.47
C ASP C 61 -15.08 -42.40 8.70
N LEU C 62 -16.24 -41.75 8.74
CA LEU C 62 -16.46 -40.49 8.06
C LEU C 62 -16.67 -39.38 9.07
N TYR C 63 -15.80 -38.39 9.04
CA TYR C 63 -15.94 -37.27 9.96
C TYR C 63 -15.95 -35.95 9.22
N GLU C 64 -16.80 -35.04 9.68
CA GLU C 64 -16.88 -33.73 9.09
C GLU C 64 -16.11 -32.81 10.02
N VAL C 65 -15.01 -32.26 9.54
CA VAL C 65 -14.22 -31.35 10.36
C VAL C 65 -14.54 -29.92 9.91
N VAL C 66 -14.84 -29.07 10.86
CA VAL C 66 -15.21 -27.70 10.57
C VAL C 66 -14.23 -26.68 11.13
N LEU C 67 -13.71 -25.81 10.26
CA LEU C 67 -12.78 -24.76 10.68
C LEU C 67 -13.55 -23.45 10.72
N ASN C 68 -13.62 -22.81 11.88
CA ASN C 68 -14.35 -21.55 12.04
C ASN C 68 -13.35 -20.40 12.11
N ILE C 69 -13.48 -19.45 11.18
CA ILE C 69 -12.59 -18.30 11.14
C ILE C 69 -13.39 -17.03 11.23
N SER C 70 -13.02 -16.16 12.18
CA SER C 70 -13.70 -14.88 12.35
C SER C 70 -12.65 -13.79 12.24
N VAL C 71 -12.95 -12.78 11.43
CA VAL C 71 -12.01 -11.71 11.22
C VAL C 71 -12.68 -10.34 11.22
N GLU C 72 -12.15 -9.42 12.01
CA GLU C 72 -12.69 -8.07 12.06
C GLU C 72 -11.57 -7.02 11.98
N THR C 73 -11.72 -6.08 11.06
CA THR C 73 -10.71 -5.03 10.90
C THR C 73 -11.32 -3.66 11.18
N THR C 74 -10.67 -2.93 12.06
CA THR C 74 -11.12 -1.59 12.38
C THR C 74 -9.97 -0.64 12.12
N LEU C 75 -10.31 0.62 11.88
CA LEU C 75 -9.31 1.64 11.63
C LEU C 75 -9.05 2.32 12.98
N GLU C 76 -7.79 2.32 13.43
CA GLU C 76 -7.45 2.87 14.75
C GLU C 76 -7.82 4.32 15.07
N ASP C 77 -7.51 5.22 14.14
CA ASP C 77 -7.80 6.66 14.29
C ASP C 77 -9.30 7.02 14.37
N SER C 78 -10.18 6.05 14.61
CA SER C 78 -11.61 6.36 14.68
C SER C 78 -12.42 5.20 15.24
N GLY C 79 -11.83 4.00 15.23
CA GLY C 79 -12.51 2.83 15.74
C GLY C 79 -13.58 2.24 14.84
N ASP C 80 -13.89 2.93 13.74
CA ASP C 80 -14.91 2.44 12.81
C ASP C 80 -14.54 1.04 12.27
N VAL C 81 -15.55 0.24 11.99
CA VAL C 81 -15.28 -1.09 11.43
C VAL C 81 -15.14 -0.99 9.92
N ALA C 82 -14.04 -1.54 9.41
CA ALA C 82 -13.79 -1.52 7.98
C ALA C 82 -14.59 -2.67 7.41
N PHE C 83 -14.38 -3.87 7.95
CA PHE C 83 -15.11 -5.04 7.47
C PHE C 83 -15.08 -6.14 8.51
N ILE C 84 -16.03 -7.06 8.41
CA ILE C 84 -16.13 -8.19 9.30
C ILE C 84 -16.35 -9.41 8.40
N CYS C 85 -15.56 -10.46 8.61
CA CYS C 85 -15.70 -11.64 7.78
C CYS C 85 -15.67 -12.92 8.61
N GLU C 86 -16.70 -13.75 8.45
CA GLU C 86 -16.82 -15.02 9.16
C GLU C 86 -16.92 -16.14 8.15
N VAL C 87 -16.11 -17.17 8.31
CA VAL C 87 -16.15 -18.31 7.43
C VAL C 87 -16.18 -19.64 8.19
N LYS C 88 -17.03 -20.55 7.71
CA LYS C 88 -17.17 -21.87 8.28
C LYS C 88 -16.73 -22.82 7.19
N GLN C 89 -15.44 -23.12 7.14
CA GLN C 89 -14.89 -24.02 6.14
C GLN C 89 -14.95 -25.43 6.68
N ALA C 90 -15.39 -26.37 5.86
CA ALA C 90 -15.47 -27.75 6.32
C ALA C 90 -14.98 -28.77 5.30
N GLY C 91 -14.90 -30.00 5.75
CA GLY C 91 -14.46 -31.05 4.86
C GLY C 91 -14.86 -32.36 5.48
N VAL C 92 -15.14 -33.35 4.65
CA VAL C 92 -15.50 -34.67 5.14
C VAL C 92 -14.31 -35.56 4.86
N PHE C 93 -13.79 -36.21 5.90
CA PHE C 93 -12.64 -37.07 5.76
C PHE C 93 -12.92 -38.50 6.16
N THR C 94 -12.21 -39.43 5.54
CA THR C 94 -12.32 -40.85 5.86
C THR C 94 -11.11 -41.08 6.76
N ILE C 95 -11.36 -41.36 8.04
CA ILE C 95 -10.26 -41.58 8.97
C ILE C 95 -10.41 -42.88 9.75
N SER C 96 -9.34 -43.66 9.81
CA SER C 96 -9.41 -44.93 10.53
C SER C 96 -8.05 -45.51 10.85
N GLY C 97 -7.99 -46.27 11.95
CA GLY C 97 -6.76 -46.90 12.34
C GLY C 97 -5.84 -46.05 13.18
N LEU C 98 -6.39 -45.31 14.14
CA LEU C 98 -5.56 -44.46 14.98
C LEU C 98 -5.96 -44.54 16.44
N GLU C 99 -4.97 -44.52 17.33
CA GLU C 99 -5.22 -44.57 18.76
C GLU C 99 -5.89 -43.27 19.19
N ASP C 100 -6.64 -43.32 20.29
CA ASP C 100 -7.35 -42.13 20.78
C ASP C 100 -6.59 -40.82 20.64
N VAL C 101 -5.31 -40.82 21.00
CA VAL C 101 -4.50 -39.61 20.92
C VAL C 101 -4.20 -39.22 19.48
N GLN C 102 -3.77 -40.21 18.70
CA GLN C 102 -3.45 -40.00 17.28
C GLN C 102 -4.65 -39.40 16.56
N MET C 103 -5.82 -39.94 16.83
CA MET C 103 -7.06 -39.49 16.22
C MET C 103 -7.39 -38.07 16.66
N ALA C 104 -7.17 -37.77 17.93
CA ALA C 104 -7.46 -36.44 18.46
C ALA C 104 -6.61 -35.40 17.76
N HIS C 105 -5.37 -35.77 17.48
CA HIS C 105 -4.44 -34.89 16.80
C HIS C 105 -4.87 -34.67 15.36
N CYS C 106 -5.33 -35.75 14.72
CA CYS C 106 -5.77 -35.70 13.34
C CYS C 106 -7.04 -34.86 13.15
N LEU C 107 -7.93 -34.87 14.15
CA LEU C 107 -9.17 -34.13 14.07
C LEU C 107 -9.05 -32.67 14.47
N THR C 108 -8.09 -32.35 15.34
CA THR C 108 -7.94 -30.99 15.80
C THR C 108 -6.74 -30.25 15.22
N SER C 109 -5.88 -30.96 14.53
CA SER C 109 -4.70 -30.33 13.95
C SER C 109 -4.51 -30.66 12.47
N GLN C 110 -4.33 -31.95 12.16
CA GLN C 110 -4.11 -32.41 10.79
C GLN C 110 -5.17 -31.94 9.80
N CYS C 111 -6.42 -32.28 10.07
CA CYS C 111 -7.50 -31.90 9.18
C CYS C 111 -7.74 -30.39 9.14
N PRO C 112 -7.83 -29.72 10.30
CA PRO C 112 -8.04 -28.27 10.28
C PRO C 112 -6.96 -27.62 9.43
N ASN C 113 -5.76 -28.16 9.53
CA ASN C 113 -4.64 -27.62 8.79
C ASN C 113 -4.84 -27.75 7.28
N MET C 114 -5.47 -28.83 6.83
CA MET C 114 -5.70 -29.00 5.42
C MET C 114 -6.75 -28.00 4.91
N LEU C 115 -7.68 -27.66 5.78
CA LEU C 115 -8.75 -26.73 5.45
C LEU C 115 -8.38 -25.25 5.51
N PHE C 116 -7.38 -24.91 6.32
CA PHE C 116 -6.98 -23.53 6.49
C PHE C 116 -6.72 -22.75 5.20
N PRO C 117 -5.86 -23.28 4.30
CA PRO C 117 -5.63 -22.51 3.08
C PRO C 117 -6.89 -22.23 2.28
N TYR C 118 -7.89 -23.10 2.36
CA TYR C 118 -9.15 -22.86 1.65
C TYR C 118 -9.85 -21.68 2.28
N ALA C 119 -9.92 -21.70 3.60
CA ALA C 119 -10.57 -20.61 4.30
C ALA C 119 -9.77 -19.31 4.12
N ARG C 120 -8.47 -19.42 4.05
CA ARG C 120 -7.63 -18.24 3.86
C ARG C 120 -7.99 -17.60 2.54
N GLU C 121 -8.09 -18.41 1.48
CA GLU C 121 -8.43 -17.93 0.13
C GLU C 121 -9.79 -17.27 0.12
N LEU C 122 -10.76 -17.84 0.82
CA LEU C 122 -12.10 -17.29 0.84
C LEU C 122 -12.11 -15.94 1.54
N VAL C 123 -11.38 -15.83 2.64
CA VAL C 123 -11.32 -14.55 3.34
C VAL C 123 -10.66 -13.52 2.44
N SER C 124 -9.53 -13.87 1.83
CA SER C 124 -8.86 -12.91 0.96
C SER C 124 -9.72 -12.52 -0.24
N ASN C 125 -10.47 -13.50 -0.77
CA ASN C 125 -11.33 -13.28 -1.92
C ASN C 125 -12.43 -12.27 -1.59
N LEU C 126 -13.10 -12.46 -0.46
CA LEU C 126 -14.17 -11.54 -0.05
C LEU C 126 -13.65 -10.14 0.32
N VAL C 127 -12.52 -10.09 1.01
CA VAL C 127 -11.96 -8.82 1.38
C VAL C 127 -11.63 -7.99 0.14
N ASN C 128 -11.09 -8.65 -0.88
CA ASN C 128 -10.77 -7.95 -2.11
C ASN C 128 -12.05 -7.44 -2.80
N ARG C 129 -13.16 -8.14 -2.61
CA ARG C 129 -14.39 -7.71 -3.25
C ARG C 129 -14.89 -6.42 -2.62
N GLY C 130 -14.37 -6.12 -1.43
CA GLY C 130 -14.76 -4.90 -0.75
C GLY C 130 -13.78 -3.80 -1.08
N THR C 131 -12.84 -4.12 -1.97
CA THR C 131 -11.78 -3.23 -2.42
C THR C 131 -10.89 -2.72 -1.29
N PHE C 132 -10.66 -3.56 -0.29
CA PHE C 132 -9.77 -3.19 0.80
C PHE C 132 -8.41 -3.79 0.49
N PRO C 133 -7.35 -3.24 1.10
CA PRO C 133 -6.05 -3.85 0.78
C PRO C 133 -5.99 -5.32 1.19
N ALA C 134 -5.33 -6.12 0.36
CA ALA C 134 -5.19 -7.55 0.57
C ALA C 134 -4.99 -7.98 2.02
N LEU C 135 -5.65 -9.08 2.39
CA LEU C 135 -5.56 -9.67 3.73
C LEU C 135 -5.37 -11.18 3.59
N ASN C 136 -4.13 -11.61 3.73
CA ASN C 136 -3.84 -13.03 3.65
C ASN C 136 -3.45 -13.52 5.02
N LEU C 137 -4.38 -14.19 5.70
CA LEU C 137 -4.15 -14.70 7.05
C LEU C 137 -2.81 -15.43 7.12
N SER C 138 -2.03 -15.14 8.15
CA SER C 138 -0.74 -15.78 8.37
C SER C 138 -0.95 -17.23 8.78
N PRO C 139 0.01 -18.11 8.50
CA PRO C 139 -0.08 -19.52 8.85
C PRO C 139 -0.41 -19.78 10.32
N VAL C 140 -1.26 -20.77 10.57
CA VAL C 140 -1.64 -21.11 11.94
C VAL C 140 -1.00 -22.44 12.27
N ASN C 141 -0.30 -22.52 13.40
CA ASN C 141 0.31 -23.79 13.80
C ASN C 141 -0.73 -24.52 14.60
N PHE C 142 -1.45 -25.44 13.95
CA PHE C 142 -2.50 -26.17 14.65
C PHE C 142 -1.98 -27.20 15.64
N ASP C 143 -0.76 -27.70 15.43
CA ASP C 143 -0.19 -28.67 16.36
C ASP C 143 -0.12 -27.98 17.73
N ALA C 144 -0.04 -26.65 17.71
CA ALA C 144 0.02 -25.87 18.93
C ALA C 144 -1.38 -25.74 19.53
N LEU C 145 -2.38 -25.61 18.67
CA LEU C 145 -3.77 -25.51 19.13
C LEU C 145 -4.25 -26.88 19.60
N PHE C 146 -3.42 -27.89 19.37
CA PHE C 146 -3.73 -29.27 19.77
C PHE C 146 -3.33 -29.41 21.24
N VAL C 147 -2.21 -28.78 21.60
CA VAL C 147 -1.71 -28.81 22.96
C VAL C 147 -2.74 -28.16 23.88
N GLU C 148 -3.26 -27.01 23.46
CA GLU C 148 -4.28 -26.30 24.23
C GLU C 148 -5.55 -27.12 24.38
N TYR C 149 -5.58 -28.28 23.71
CA TYR C 149 -6.75 -29.15 23.77
C TYR C 149 -6.58 -30.23 24.84
N MET C 150 -5.38 -30.78 24.93
CA MET C 150 -5.08 -31.81 25.91
C MET C 150 -5.25 -31.26 27.32
N ASN C 151 -5.07 -29.94 27.46
CA ASN C 151 -5.20 -29.26 28.74
C ASN C 151 -6.67 -29.04 29.10
N VAL D 17 -23.03 12.98 -18.41
CA VAL D 17 -21.84 12.23 -17.92
C VAL D 17 -22.17 11.03 -17.03
N LEU D 18 -21.48 9.92 -17.27
CA LEU D 18 -21.68 8.68 -16.52
C LEU D 18 -20.38 7.90 -16.42
N GLN D 19 -19.75 7.98 -15.25
CA GLN D 19 -18.49 7.30 -15.02
C GLN D 19 -18.54 6.44 -13.76
N ILE D 20 -17.87 5.30 -13.82
CA ILE D 20 -17.83 4.37 -12.70
C ILE D 20 -16.61 4.73 -11.85
N GLN D 21 -16.84 5.06 -10.58
CA GLN D 21 -15.73 5.42 -9.70
C GLN D 21 -15.18 4.23 -8.93
N ARG D 22 -16.07 3.38 -8.43
CA ARG D 22 -15.62 2.24 -7.67
C ARG D 22 -16.72 1.20 -7.56
N ILE D 23 -16.33 -0.07 -7.61
CA ILE D 23 -17.27 -1.17 -7.51
C ILE D 23 -16.85 -2.00 -6.32
N TYR D 24 -17.77 -2.22 -5.40
CA TYR D 24 -17.45 -2.99 -4.19
C TYR D 24 -18.66 -3.73 -3.63
N VAL D 25 -18.39 -4.64 -2.71
CA VAL D 25 -19.41 -5.43 -2.06
C VAL D 25 -19.67 -4.84 -0.67
N LYS D 26 -20.93 -4.61 -0.32
CA LYS D 26 -21.22 -4.05 0.99
C LYS D 26 -21.58 -5.15 1.96
N ASP D 27 -22.22 -6.20 1.46
CA ASP D 27 -22.66 -7.30 2.31
C ASP D 27 -22.74 -8.60 1.51
N VAL D 28 -22.33 -9.71 2.11
CA VAL D 28 -22.37 -10.99 1.42
C VAL D 28 -22.72 -12.09 2.40
N SER D 29 -23.53 -13.04 1.97
CA SER D 29 -23.91 -14.14 2.82
C SER D 29 -24.16 -15.41 2.01
N PHE D 30 -23.57 -16.52 2.43
CA PHE D 30 -23.76 -17.81 1.76
C PHE D 30 -23.93 -18.85 2.85
N GLU D 31 -25.00 -19.63 2.79
CA GLU D 31 -25.22 -20.64 3.80
C GLU D 31 -25.74 -21.95 3.21
N ALA D 32 -25.15 -23.06 3.65
CA ALA D 32 -25.57 -24.38 3.20
C ALA D 32 -25.67 -25.19 4.49
N PRO D 33 -26.79 -25.06 5.20
CA PRO D 33 -27.11 -25.71 6.46
C PRO D 33 -27.07 -27.22 6.50
N ASN D 34 -27.61 -27.85 5.47
CA ASN D 34 -27.70 -29.29 5.42
C ASN D 34 -26.54 -30.07 4.79
N LEU D 35 -25.32 -29.66 5.06
CA LEU D 35 -24.16 -30.38 4.51
C LEU D 35 -23.64 -31.25 5.64
N PRO D 36 -23.02 -32.39 5.30
CA PRO D 36 -22.77 -32.95 3.97
C PRO D 36 -23.87 -33.84 3.45
N HIS D 37 -24.81 -34.22 4.29
CA HIS D 37 -25.89 -35.13 3.88
C HIS D 37 -26.71 -34.74 2.66
N ILE D 38 -26.97 -33.45 2.49
CA ILE D 38 -27.77 -33.00 1.34
C ILE D 38 -27.17 -33.50 0.02
N PHE D 39 -25.89 -33.83 0.03
CA PHE D 39 -25.23 -34.30 -1.18
C PHE D 39 -25.66 -35.70 -1.55
N GLN D 40 -26.46 -36.32 -0.69
CA GLN D 40 -26.93 -37.68 -0.92
C GLN D 40 -28.30 -37.69 -1.58
N GLN D 41 -28.96 -36.55 -1.58
CA GLN D 41 -30.28 -36.43 -2.19
C GLN D 41 -30.14 -36.29 -3.71
N GLU D 42 -31.23 -36.50 -4.44
CA GLU D 42 -31.22 -36.37 -5.90
C GLU D 42 -31.16 -34.87 -6.17
N TRP D 43 -30.19 -34.42 -6.95
CA TRP D 43 -30.12 -33.00 -7.24
C TRP D 43 -31.24 -32.53 -8.19
N LYS D 44 -32.42 -32.29 -7.62
CA LYS D 44 -33.56 -31.79 -8.37
C LYS D 44 -33.80 -30.42 -7.76
N PRO D 45 -33.03 -29.41 -8.20
CA PRO D 45 -33.10 -28.03 -7.72
C PRO D 45 -34.29 -27.15 -8.08
N LYS D 46 -34.73 -26.37 -7.09
CA LYS D 46 -35.82 -25.41 -7.22
C LYS D 46 -35.19 -24.09 -6.80
N LEU D 47 -35.01 -23.21 -7.76
CA LEU D 47 -34.37 -21.91 -7.55
C LEU D 47 -35.29 -20.70 -7.25
N GLY D 48 -35.05 -20.05 -6.11
CA GLY D 48 -35.82 -18.88 -5.75
C GLY D 48 -34.91 -17.69 -5.95
N PHE D 49 -35.31 -16.73 -6.78
CA PHE D 49 -34.49 -15.55 -7.05
C PHE D 49 -35.16 -14.21 -6.75
N ASP D 50 -34.57 -13.43 -5.86
CA ASP D 50 -35.12 -12.13 -5.50
C ASP D 50 -34.11 -11.03 -5.87
N LEU D 51 -34.61 -9.92 -6.39
CA LEU D 51 -33.73 -8.82 -6.75
C LEU D 51 -34.38 -7.45 -6.54
N SER D 52 -33.55 -6.45 -6.25
CA SER D 52 -33.99 -5.07 -6.05
C SER D 52 -32.80 -4.13 -6.00
N THR D 53 -33.03 -2.86 -6.27
CA THR D 53 -31.95 -1.90 -6.22
C THR D 53 -32.35 -0.69 -5.41
N GLU D 54 -31.34 0.07 -4.98
CA GLU D 54 -31.57 1.29 -4.21
C GLU D 54 -30.42 2.24 -4.44
N THR D 55 -30.71 3.54 -4.56
CA THR D 55 -29.69 4.54 -4.79
C THR D 55 -29.57 5.53 -3.65
N THR D 56 -28.39 6.13 -3.53
CA THR D 56 -28.13 7.10 -2.48
C THR D 56 -27.11 8.08 -3.01
N GLN D 57 -27.37 9.38 -2.86
CA GLN D 57 -26.41 10.36 -3.33
C GLN D 57 -25.36 10.43 -2.23
N VAL D 58 -24.10 10.25 -2.59
CA VAL D 58 -23.02 10.30 -1.59
C VAL D 58 -22.07 11.46 -1.83
N GLY D 59 -22.43 12.35 -2.75
CA GLY D 59 -21.60 13.51 -3.04
C GLY D 59 -22.18 14.31 -4.19
N ASP D 60 -21.45 15.33 -4.64
CA ASP D 60 -21.95 16.12 -5.76
C ASP D 60 -21.78 15.29 -7.01
N ASP D 61 -22.89 14.95 -7.65
CA ASP D 61 -22.87 14.14 -8.87
C ASP D 61 -22.36 12.74 -8.59
N LEU D 62 -22.28 12.36 -7.32
CA LEU D 62 -21.81 11.03 -6.95
C LEU D 62 -22.92 10.22 -6.35
N TYR D 63 -23.25 9.10 -6.98
CA TYR D 63 -24.31 8.26 -6.45
C TYR D 63 -23.85 6.84 -6.19
N GLU D 64 -24.33 6.26 -5.11
CA GLU D 64 -24.00 4.89 -4.78
C GLU D 64 -25.21 4.07 -5.18
N VAL D 65 -25.04 3.19 -6.16
CA VAL D 65 -26.12 2.34 -6.60
C VAL D 65 -25.87 0.95 -6.02
N VAL D 66 -26.88 0.39 -5.39
CA VAL D 66 -26.73 -0.92 -4.81
C VAL D 66 -27.70 -1.93 -5.39
N LEU D 67 -27.14 -3.05 -5.83
CA LEU D 67 -27.90 -4.13 -6.41
C LEU D 67 -28.04 -5.20 -5.34
N ASN D 68 -29.27 -5.50 -4.93
CA ASN D 68 -29.53 -6.52 -3.91
C ASN D 68 -30.03 -7.80 -4.58
N ILE D 69 -29.31 -8.90 -4.32
CA ILE D 69 -29.68 -10.19 -4.92
C ILE D 69 -29.81 -11.27 -3.89
N SER D 70 -30.90 -12.00 -3.94
CA SER D 70 -31.10 -13.10 -3.00
C SER D 70 -31.45 -14.35 -3.80
N VAL D 71 -30.74 -15.44 -3.50
CA VAL D 71 -30.95 -16.69 -4.20
C VAL D 71 -31.06 -17.85 -3.23
N GLU D 72 -32.12 -18.63 -3.36
CA GLU D 72 -32.33 -19.76 -2.49
C GLU D 72 -32.65 -20.99 -3.33
N THR D 73 -31.91 -22.08 -3.11
CA THR D 73 -32.14 -23.32 -3.86
C THR D 73 -32.51 -24.45 -2.93
N THR D 74 -33.59 -25.12 -3.25
CA THR D 74 -34.03 -26.27 -2.46
C THR D 74 -34.18 -27.44 -3.40
N LEU D 75 -34.15 -28.64 -2.85
CA LEU D 75 -34.31 -29.86 -3.63
C LEU D 75 -35.79 -30.24 -3.52
N GLU D 76 -36.47 -30.39 -4.65
CA GLU D 76 -37.91 -30.66 -4.63
C GLU D 76 -38.43 -31.91 -3.92
N ASP D 77 -37.80 -33.06 -4.12
CA ASP D 77 -38.30 -34.26 -3.46
C ASP D 77 -37.96 -34.38 -1.98
N SER D 78 -37.86 -33.23 -1.29
CA SER D 78 -37.56 -33.23 0.15
C SER D 78 -37.79 -31.85 0.76
N GLY D 79 -37.70 -30.83 -0.08
CA GLY D 79 -37.91 -29.47 0.38
C GLY D 79 -36.74 -28.86 1.13
N ASP D 80 -35.73 -29.67 1.45
CA ASP D 80 -34.56 -29.19 2.18
C ASP D 80 -33.76 -28.13 1.43
N VAL D 81 -33.24 -27.16 2.16
CA VAL D 81 -32.45 -26.09 1.56
C VAL D 81 -31.06 -26.55 1.19
N ALA D 82 -30.69 -26.34 -0.06
CA ALA D 82 -29.35 -26.72 -0.52
C ALA D 82 -28.42 -25.58 -0.09
N PHE D 83 -28.80 -24.36 -0.47
CA PHE D 83 -28.03 -23.18 -0.12
C PHE D 83 -28.83 -21.89 -0.28
N ILE D 84 -28.42 -20.87 0.46
CA ILE D 84 -29.05 -19.57 0.37
C ILE D 84 -27.91 -18.59 0.20
N CYS D 85 -28.04 -17.68 -0.76
CA CYS D 85 -26.99 -16.72 -1.00
C CYS D 85 -27.59 -15.33 -1.15
N GLU D 86 -27.05 -14.38 -0.40
CA GLU D 86 -27.54 -13.00 -0.47
C GLU D 86 -26.35 -12.10 -0.73
N VAL D 87 -26.50 -11.22 -1.71
CA VAL D 87 -25.43 -10.31 -2.07
C VAL D 87 -25.91 -8.89 -2.22
N LYS D 88 -25.08 -7.97 -1.77
CA LYS D 88 -25.36 -6.54 -1.86
C LYS D 88 -24.17 -5.98 -2.64
N GLN D 89 -24.26 -6.01 -3.97
CA GLN D 89 -23.19 -5.52 -4.85
C GLN D 89 -23.46 -4.06 -5.17
N ALA D 90 -22.46 -3.20 -4.99
CA ALA D 90 -22.67 -1.79 -5.26
C ALA D 90 -21.57 -1.11 -6.07
N GLY D 91 -21.83 0.13 -6.42
CA GLY D 91 -20.86 0.90 -7.18
C GLY D 91 -21.12 2.37 -6.98
N VAL D 92 -20.07 3.17 -7.04
CA VAL D 92 -20.20 4.61 -6.90
C VAL D 92 -20.06 5.17 -8.32
N PHE D 93 -21.08 5.88 -8.78
CA PHE D 93 -21.07 6.46 -10.13
C PHE D 93 -21.10 7.99 -10.10
N THR D 94 -20.45 8.59 -11.10
CA THR D 94 -20.45 10.03 -11.27
C THR D 94 -21.49 10.21 -12.37
N ILE D 95 -22.63 10.81 -12.03
CA ILE D 95 -23.72 11.04 -12.98
C ILE D 95 -24.13 12.50 -13.02
N SER D 96 -24.25 13.05 -14.23
CA SER D 96 -24.64 14.45 -14.38
C SER D 96 -25.13 14.78 -15.78
N GLY D 97 -26.05 15.74 -15.86
CA GLY D 97 -26.57 16.17 -17.15
C GLY D 97 -27.69 15.33 -17.70
N LEU D 98 -28.64 14.95 -16.85
CA LEU D 98 -29.78 14.14 -17.27
C LEU D 98 -31.10 14.66 -16.72
N GLU D 99 -32.12 14.68 -17.56
CA GLU D 99 -33.44 15.14 -17.13
C GLU D 99 -33.97 14.11 -16.12
N ASP D 100 -34.93 14.51 -15.29
CA ASP D 100 -35.50 13.61 -14.27
C ASP D 100 -35.76 12.16 -14.70
N VAL D 101 -36.33 11.97 -15.88
CA VAL D 101 -36.64 10.64 -16.38
C VAL D 101 -35.39 9.88 -16.81
N GLN D 102 -34.52 10.53 -17.58
CA GLN D 102 -33.28 9.91 -18.03
C GLN D 102 -32.41 9.51 -16.82
N MET D 103 -32.40 10.34 -15.79
CA MET D 103 -31.64 10.07 -14.57
C MET D 103 -32.23 8.86 -13.86
N ALA D 104 -33.56 8.75 -13.85
CA ALA D 104 -34.26 7.64 -13.22
C ALA D 104 -33.92 6.32 -13.90
N HIS D 105 -33.81 6.35 -15.23
CA HIS D 105 -33.49 5.13 -15.96
C HIS D 105 -32.06 4.75 -15.67
N CYS D 106 -31.20 5.75 -15.60
CA CYS D 106 -29.79 5.52 -15.32
C CYS D 106 -29.56 4.88 -13.95
N LEU D 107 -30.33 5.31 -12.95
CA LEU D 107 -30.17 4.79 -11.59
C LEU D 107 -30.85 3.46 -11.34
N THR D 108 -31.96 3.20 -12.04
CA THR D 108 -32.69 1.96 -11.81
C THR D 108 -32.47 0.89 -12.88
N SER D 109 -31.82 1.26 -13.98
CA SER D 109 -31.59 0.30 -15.06
C SER D 109 -30.14 0.25 -15.55
N GLN D 110 -29.62 1.36 -16.06
CA GLN D 110 -28.25 1.42 -16.55
C GLN D 110 -27.19 0.97 -15.56
N CYS D 111 -27.17 1.60 -14.39
CA CYS D 111 -26.19 1.29 -13.36
C CYS D 111 -26.38 -0.12 -12.82
N PRO D 112 -27.60 -0.46 -12.39
CA PRO D 112 -27.78 -1.81 -11.86
C PRO D 112 -27.29 -2.84 -12.88
N ASN D 113 -27.45 -2.52 -14.13
CA ASN D 113 -27.07 -3.42 -15.20
C ASN D 113 -25.55 -3.58 -15.30
N MET D 114 -24.81 -2.52 -14.97
CA MET D 114 -23.35 -2.60 -15.02
C MET D 114 -22.87 -3.49 -13.86
N LEU D 115 -23.56 -3.39 -12.73
CA LEU D 115 -23.23 -4.13 -11.54
C LEU D 115 -23.63 -5.60 -11.59
N PHE D 116 -24.68 -5.93 -12.34
CA PHE D 116 -25.15 -7.32 -12.35
C PHE D 116 -24.08 -8.39 -12.58
N PRO D 117 -23.36 -8.33 -13.72
CA PRO D 117 -22.33 -9.34 -13.98
C PRO D 117 -21.32 -9.54 -12.85
N TYR D 118 -21.07 -8.50 -12.06
CA TYR D 118 -20.15 -8.68 -10.95
C TYR D 118 -20.87 -9.48 -9.87
N ALA D 119 -22.15 -9.21 -9.68
CA ALA D 119 -22.89 -9.92 -8.66
C ALA D 119 -23.07 -11.36 -9.11
N ARG D 120 -23.21 -11.55 -10.43
CA ARG D 120 -23.38 -12.89 -10.99
C ARG D 120 -22.18 -13.75 -10.66
N GLU D 121 -21.00 -13.18 -10.89
CA GLU D 121 -19.76 -13.88 -10.64
C GLU D 121 -19.57 -14.18 -9.15
N LEU D 122 -20.06 -13.29 -8.28
CA LEU D 122 -19.96 -13.51 -6.83
C LEU D 122 -20.80 -14.70 -6.44
N VAL D 123 -22.06 -14.72 -6.88
CA VAL D 123 -22.94 -15.82 -6.54
C VAL D 123 -22.33 -17.13 -7.03
N SER D 124 -21.88 -17.11 -8.28
CA SER D 124 -21.26 -18.25 -8.94
C SER D 124 -20.06 -18.78 -8.13
N ASN D 125 -19.24 -17.85 -7.69
CA ASN D 125 -18.04 -18.11 -6.91
C ASN D 125 -18.38 -18.82 -5.59
N LEU D 126 -19.36 -18.28 -4.86
CA LEU D 126 -19.75 -18.84 -3.57
C LEU D 126 -20.41 -20.21 -3.74
N VAL D 127 -21.28 -20.34 -4.74
CA VAL D 127 -21.93 -21.61 -5.00
C VAL D 127 -20.88 -22.69 -5.18
N ASN D 128 -19.84 -22.37 -5.97
CA ASN D 128 -18.72 -23.27 -6.25
C ASN D 128 -18.06 -23.73 -4.98
N ARG D 129 -17.89 -22.78 -4.06
CA ARG D 129 -17.25 -23.07 -2.78
C ARG D 129 -18.02 -24.10 -1.98
N GLY D 130 -19.32 -24.22 -2.26
CA GLY D 130 -20.14 -25.19 -1.54
C GLY D 130 -20.17 -26.50 -2.28
N THR D 131 -19.45 -26.54 -3.40
CA THR D 131 -19.35 -27.68 -4.31
C THR D 131 -20.70 -28.14 -4.85
N PHE D 132 -21.55 -27.17 -5.18
CA PHE D 132 -22.86 -27.45 -5.76
C PHE D 132 -22.70 -27.25 -7.26
N PRO D 133 -23.60 -27.85 -8.06
CA PRO D 133 -23.36 -27.60 -9.48
C PRO D 133 -23.54 -26.12 -9.78
N ALA D 134 -22.67 -25.64 -10.65
CA ALA D 134 -22.64 -24.24 -11.07
C ALA D 134 -23.98 -23.57 -11.29
N LEU D 135 -24.05 -22.33 -10.85
CA LEU D 135 -25.24 -21.50 -10.97
C LEU D 135 -24.81 -20.16 -11.53
N ASN D 136 -25.19 -19.91 -12.77
CA ASN D 136 -24.87 -18.67 -13.46
C ASN D 136 -26.18 -17.93 -13.70
N LEU D 137 -26.53 -17.00 -12.82
CA LEU D 137 -27.77 -16.22 -12.96
C LEU D 137 -28.03 -15.78 -14.40
N SER D 138 -29.24 -16.00 -14.89
CA SER D 138 -29.58 -15.59 -16.26
C SER D 138 -29.64 -14.08 -16.30
N PRO D 139 -29.39 -13.51 -17.49
CA PRO D 139 -29.44 -12.05 -17.61
C PRO D 139 -30.76 -11.46 -17.12
N VAL D 140 -30.69 -10.27 -16.51
CA VAL D 140 -31.90 -9.63 -16.03
C VAL D 140 -32.21 -8.40 -16.85
N ASN D 141 -33.50 -8.23 -17.12
CA ASN D 141 -33.99 -7.10 -17.87
C ASN D 141 -34.29 -6.03 -16.85
N PHE D 142 -33.37 -5.07 -16.73
CA PHE D 142 -33.53 -4.00 -15.76
C PHE D 142 -34.49 -2.91 -16.23
N ASP D 143 -34.73 -2.81 -17.55
CA ASP D 143 -35.66 -1.81 -18.07
C ASP D 143 -37.02 -2.08 -17.43
N ALA D 144 -37.25 -3.33 -17.05
CA ALA D 144 -38.51 -3.71 -16.43
C ALA D 144 -38.69 -3.06 -15.07
N LEU D 145 -37.61 -3.00 -14.29
CA LEU D 145 -37.65 -2.39 -12.97
C LEU D 145 -37.74 -0.87 -13.11
N PHE D 146 -37.45 -0.38 -14.31
CA PHE D 146 -37.53 1.05 -14.58
C PHE D 146 -38.99 1.39 -14.78
N VAL D 147 -39.66 0.56 -15.57
CA VAL D 147 -41.08 0.75 -15.83
C VAL D 147 -41.83 0.67 -14.50
N GLU D 148 -41.55 -0.38 -13.74
CA GLU D 148 -42.17 -0.56 -12.43
C GLU D 148 -42.03 0.72 -11.62
N TYR D 149 -40.89 1.38 -11.78
CA TYR D 149 -40.61 2.62 -11.07
C TYR D 149 -41.63 3.67 -11.50
N MET D 150 -41.52 4.10 -12.75
CA MET D 150 -42.43 5.10 -13.32
C MET D 150 -43.86 4.91 -12.80
N ASN D 151 -44.38 3.69 -12.90
CA ASN D 151 -45.72 3.37 -12.43
C ASN D 151 -45.85 3.55 -10.91
N PRO E 16 -21.30 15.00 22.47
CA PRO E 16 -20.43 14.18 23.35
C PRO E 16 -19.38 13.46 22.52
N VAL E 17 -19.17 13.91 21.29
CA VAL E 17 -18.19 13.28 20.39
C VAL E 17 -17.34 14.29 19.61
N LEU E 18 -16.03 14.22 19.82
CA LEU E 18 -15.09 15.10 19.14
C LEU E 18 -13.85 14.29 18.80
N GLN E 19 -13.74 13.83 17.56
CA GLN E 19 -12.59 13.04 17.15
C GLN E 19 -11.96 13.55 15.86
N ILE E 20 -10.64 13.44 15.78
CA ILE E 20 -9.91 13.89 14.60
C ILE E 20 -9.76 12.70 13.65
N GLN E 21 -10.24 12.85 12.43
CA GLN E 21 -10.14 11.76 11.48
C GLN E 21 -8.89 11.85 10.61
N ARG E 22 -8.53 13.05 10.18
CA ARG E 22 -7.37 13.19 9.32
C ARG E 22 -6.91 14.64 9.32
N ILE E 23 -5.60 14.82 9.30
CA ILE E 23 -4.98 16.14 9.29
C ILE E 23 -4.18 16.25 8.01
N TYR E 24 -4.47 17.25 7.20
CA TYR E 24 -3.75 17.39 5.96
C TYR E 24 -3.66 18.84 5.50
N VAL E 25 -2.79 19.07 4.53
CA VAL E 25 -2.61 20.41 3.99
C VAL E 25 -3.34 20.52 2.67
N LYS E 26 -4.14 21.58 2.49
CA LYS E 26 -4.86 21.76 1.23
C LYS E 26 -4.05 22.65 0.31
N ASP E 27 -3.30 23.59 0.87
CA ASP E 27 -2.52 24.49 0.05
C ASP E 27 -1.33 25.05 0.78
N VAL E 28 -0.21 25.18 0.10
CA VAL E 28 1.02 25.68 0.70
C VAL E 28 1.73 26.58 -0.30
N SER E 29 2.34 27.64 0.21
CA SER E 29 3.04 28.59 -0.63
C SER E 29 4.14 29.30 0.15
N PHE E 30 5.35 29.31 -0.39
CA PHE E 30 6.47 29.98 0.27
C PHE E 30 7.27 30.68 -0.81
N GLU E 31 7.51 31.98 -0.63
CA GLU E 31 8.21 32.75 -1.64
C GLU E 31 9.29 33.67 -1.06
N ALA E 32 10.47 33.64 -1.66
CA ALA E 32 11.58 34.46 -1.23
C ALA E 32 12.15 35.08 -2.50
N PRO E 33 11.50 36.16 -2.97
CA PRO E 33 11.80 36.95 -4.17
C PRO E 33 13.20 37.52 -4.31
N ASN E 34 13.67 38.19 -3.27
CA ASN E 34 14.98 38.83 -3.33
C ASN E 34 16.20 38.02 -2.86
N LEU E 35 16.30 36.76 -3.27
CA LEU E 35 17.47 35.96 -2.89
C LEU E 35 18.39 35.92 -4.10
N PRO E 36 19.71 35.79 -3.86
CA PRO E 36 20.35 35.68 -2.55
C PRO E 36 20.83 36.99 -1.93
N HIS E 37 20.68 38.10 -2.66
CA HIS E 37 21.16 39.38 -2.13
C HIS E 37 20.55 39.91 -0.85
N ILE E 38 19.27 39.64 -0.59
CA ILE E 38 18.68 40.17 0.63
C ILE E 38 19.40 39.65 1.87
N PHE E 39 20.19 38.59 1.69
CA PHE E 39 20.95 38.00 2.79
C PHE E 39 22.09 38.94 3.20
N GLN E 40 22.30 40.00 2.43
CA GLN E 40 23.36 40.95 2.74
C GLN E 40 22.85 42.14 3.57
N GLN E 41 21.54 42.28 3.65
CA GLN E 41 20.93 43.36 4.40
C GLN E 41 20.92 43.04 5.88
N GLU E 42 20.83 44.06 6.73
CA GLU E 42 20.81 43.83 8.16
C GLU E 42 19.48 43.15 8.47
N TRP E 43 19.54 42.06 9.23
CA TRP E 43 18.33 41.32 9.58
C TRP E 43 17.46 42.05 10.61
N LYS E 44 16.72 43.06 10.15
CA LYS E 44 15.80 43.83 10.99
C LYS E 44 14.41 43.51 10.45
N PRO E 45 13.86 42.36 10.86
CA PRO E 45 12.55 41.80 10.49
C PRO E 45 11.28 42.48 10.97
N LYS E 46 10.32 42.64 10.07
CA LYS E 46 9.02 43.20 10.40
C LYS E 46 8.02 42.15 9.91
N LEU E 47 7.41 41.46 10.86
CA LEU E 47 6.47 40.39 10.54
C LEU E 47 5.00 40.75 10.42
N GLY E 48 4.37 40.36 9.31
CA GLY E 48 2.96 40.59 9.09
C GLY E 48 2.27 39.24 9.19
N PHE E 49 1.36 39.09 10.15
CA PHE E 49 0.68 37.81 10.36
C PHE E 49 -0.85 37.88 10.25
N ASP E 50 -1.40 37.12 9.31
CA ASP E 50 -2.84 37.12 9.12
C ASP E 50 -3.36 35.71 9.38
N LEU E 51 -4.57 35.60 9.93
CA LEU E 51 -5.15 34.31 10.21
C LEU E 51 -6.67 34.32 10.14
N SER E 52 -7.24 33.17 9.83
CA SER E 52 -8.69 33.03 9.77
C SER E 52 -9.03 31.56 9.58
N THR E 53 -10.27 31.20 9.84
CA THR E 53 -10.68 29.83 9.69
C THR E 53 -12.01 29.72 8.99
N GLU E 54 -12.31 28.53 8.48
CA GLU E 54 -13.58 28.29 7.82
C GLU E 54 -13.91 26.82 7.93
N THR E 55 -15.20 26.53 8.06
CA THR E 55 -15.66 25.16 8.20
C THR E 55 -16.60 24.72 7.06
N THR E 56 -16.64 23.42 6.81
CA THR E 56 -17.46 22.85 5.77
C THR E 56 -17.93 21.49 6.23
N GLN E 57 -19.23 21.23 6.19
CA GLN E 57 -19.72 19.91 6.59
C GLN E 57 -19.36 19.02 5.40
N VAL E 58 -18.67 17.92 5.68
CA VAL E 58 -18.22 17.01 4.63
C VAL E 58 -18.90 15.64 4.69
N GLY E 59 -19.80 15.48 5.65
CA GLY E 59 -20.52 14.25 5.82
C GLY E 59 -21.38 14.29 7.08
N ASP E 60 -21.95 13.15 7.45
CA ASP E 60 -22.77 13.09 8.64
C ASP E 60 -21.84 13.19 9.84
N ASP E 61 -21.96 14.27 10.60
CA ASP E 61 -21.12 14.47 11.77
C ASP E 61 -19.66 14.66 11.39
N LEU E 62 -19.40 14.87 10.11
CA LEU E 62 -18.02 15.07 9.62
C LEU E 62 -17.81 16.48 9.11
N TYR E 63 -16.89 17.19 9.75
CA TYR E 63 -16.61 18.57 9.35
C TYR E 63 -15.15 18.78 9.03
N GLU E 64 -14.91 19.55 7.98
CA GLU E 64 -13.56 19.87 7.56
C GLU E 64 -13.30 21.27 8.09
N VAL E 65 -12.34 21.39 9.00
CA VAL E 65 -11.99 22.69 9.57
C VAL E 65 -10.70 23.16 8.91
N VAL E 66 -10.71 24.31 8.27
CA VAL E 66 -9.52 24.85 7.62
C VAL E 66 -8.94 26.09 8.33
N LEU E 67 -7.65 26.02 8.63
CA LEU E 67 -6.93 27.10 9.28
C LEU E 67 -6.09 27.83 8.22
N ASN E 68 -6.40 29.10 7.98
CA ASN E 68 -5.67 29.90 6.98
C ASN E 68 -4.64 30.79 7.65
N ILE E 69 -3.38 30.63 7.30
CA ILE E 69 -2.32 31.42 7.90
C ILE E 69 -1.47 32.10 6.83
N SER E 70 -1.29 33.41 6.96
CA SER E 70 -0.49 34.20 6.02
C SER E 70 0.60 34.89 6.81
N VAL E 71 1.83 34.76 6.35
CA VAL E 71 2.96 35.35 7.04
C VAL E 71 3.85 36.07 6.05
N GLU E 72 4.12 37.35 6.31
CA GLU E 72 4.98 38.14 5.44
C GLU E 72 6.05 38.83 6.26
N THR E 73 7.31 38.64 5.87
CA THR E 73 8.42 39.25 6.60
C THR E 73 9.17 40.21 5.69
N THR E 74 9.35 41.43 6.15
CA THR E 74 10.11 42.42 5.39
C THR E 74 11.20 42.97 6.31
N LEU E 75 12.27 43.50 5.71
CA LEU E 75 13.35 44.10 6.48
C LEU E 75 13.08 45.60 6.48
N GLU E 76 13.02 46.18 7.67
CA GLU E 76 12.69 47.60 7.84
C GLU E 76 13.53 48.66 7.14
N ASP E 77 14.84 48.62 7.25
CA ASP E 77 15.65 49.64 6.60
C ASP E 77 15.80 49.48 5.09
N SER E 78 14.76 48.96 4.45
CA SER E 78 14.77 48.75 3.00
C SER E 78 13.37 48.47 2.46
N GLY E 79 12.54 47.87 3.31
CA GLY E 79 11.18 47.54 2.92
C GLY E 79 11.08 46.30 2.06
N ASP E 80 12.24 45.79 1.65
CA ASP E 80 12.31 44.60 0.80
C ASP E 80 11.66 43.39 1.47
N VAL E 81 11.02 42.55 0.66
CA VAL E 81 10.36 41.35 1.17
C VAL E 81 11.39 40.24 1.41
N ALA E 82 11.43 39.70 2.62
CA ALA E 82 12.35 38.63 2.92
C ALA E 82 11.70 37.36 2.41
N PHE E 83 10.47 37.13 2.86
CA PHE E 83 9.71 35.97 2.45
C PHE E 83 8.21 36.10 2.74
N ILE E 84 7.41 35.38 1.96
CA ILE E 84 5.97 35.37 2.11
C ILE E 84 5.58 33.91 2.25
N CYS E 85 4.74 33.58 3.21
CA CYS E 85 4.34 32.19 3.39
C CYS E 85 2.87 32.07 3.71
N GLU E 86 2.15 31.29 2.91
CA GLU E 86 0.73 31.10 3.12
C GLU E 86 0.44 29.61 3.27
N VAL E 87 -0.35 29.29 4.29
CA VAL E 87 -0.68 27.92 4.59
C VAL E 87 -2.16 27.68 4.83
N LYS E 88 -2.66 26.58 4.29
CA LYS E 88 -4.05 26.21 4.45
C LYS E 88 -4.01 24.86 5.13
N GLN E 89 -3.94 24.85 6.45
CA GLN E 89 -3.90 23.60 7.22
C GLN E 89 -5.31 23.19 7.56
N ALA E 90 -5.67 21.93 7.29
CA ALA E 90 -7.01 21.46 7.57
C ALA E 90 -7.05 20.15 8.30
N GLY E 91 -8.25 19.81 8.75
CA GLY E 91 -8.47 18.57 9.47
C GLY E 91 -9.93 18.18 9.34
N VAL E 92 -10.18 16.88 9.31
CA VAL E 92 -11.55 16.40 9.22
C VAL E 92 -11.87 15.86 10.59
N PHE E 93 -12.92 16.40 11.22
CA PHE E 93 -13.30 15.93 12.54
C PHE E 93 -14.72 15.38 12.58
N THR E 94 -14.94 14.46 13.52
CA THR E 94 -16.24 13.87 13.75
C THR E 94 -16.75 14.64 14.97
N ILE E 95 -17.81 15.41 14.79
CA ILE E 95 -18.36 16.22 15.86
C ILE E 95 -19.85 16.00 16.01
N SER E 96 -20.29 15.73 17.24
CA SER E 96 -21.71 15.49 17.48
C SER E 96 -22.11 15.65 18.94
N GLY E 97 -23.37 16.05 19.15
CA GLY E 97 -23.91 16.21 20.49
C GLY E 97 -23.58 17.52 21.16
N LEU E 98 -23.73 18.61 20.42
CA LEU E 98 -23.43 19.92 20.97
C LEU E 98 -24.49 20.95 20.59
N GLU E 99 -24.82 21.83 21.52
CA GLU E 99 -25.80 22.86 21.25
C GLU E 99 -25.18 23.89 20.32
N ASP E 100 -26.02 24.60 19.57
CA ASP E 100 -25.53 25.59 18.62
C ASP E 100 -24.32 26.39 19.04
N VAL E 101 -24.31 26.90 20.27
CA VAL E 101 -23.18 27.69 20.74
C VAL E 101 -21.94 26.83 20.99
N GLN E 102 -22.13 25.70 21.67
CA GLN E 102 -21.02 24.79 21.96
C GLN E 102 -20.35 24.33 20.65
N MET E 103 -21.18 24.09 19.64
CA MET E 103 -20.70 23.64 18.34
C MET E 103 -19.91 24.75 17.65
N ALA E 104 -20.43 25.98 17.73
CA ALA E 104 -19.77 27.12 17.11
C ALA E 104 -18.39 27.35 17.73
N HIS E 105 -18.29 27.10 19.03
CA HIS E 105 -17.03 27.26 19.73
C HIS E 105 -16.06 26.16 19.29
N CYS E 106 -16.59 24.95 19.10
CA CYS E 106 -15.79 23.81 18.68
C CYS E 106 -15.21 24.03 17.27
N LEU E 107 -16.03 24.56 16.37
CA LEU E 107 -15.62 24.80 14.99
C LEU E 107 -14.72 26.00 14.75
N THR E 108 -14.83 27.01 15.61
CA THR E 108 -14.05 28.23 15.43
C THR E 108 -12.92 28.44 16.43
N SER E 109 -12.87 27.60 17.47
CA SER E 109 -11.86 27.70 18.49
C SER E 109 -11.13 26.38 18.79
N GLN E 110 -11.87 25.40 19.32
CA GLN E 110 -11.30 24.10 19.66
C GLN E 110 -10.54 23.42 18.52
N CYS E 111 -11.20 23.25 17.38
CA CYS E 111 -10.58 22.62 16.23
C CYS E 111 -9.42 23.42 15.67
N PRO E 112 -9.64 24.70 15.30
CA PRO E 112 -8.52 25.47 14.76
C PRO E 112 -7.31 25.42 15.69
N ASN E 113 -7.61 25.31 16.97
CA ASN E 113 -6.60 25.24 18.02
C ASN E 113 -5.78 23.94 17.94
N MET E 114 -6.42 22.85 17.54
CA MET E 114 -5.69 21.60 17.44
C MET E 114 -4.83 21.64 16.18
N LEU E 115 -5.31 22.39 15.18
CA LEU E 115 -4.63 22.51 13.90
C LEU E 115 -3.47 23.48 13.87
N PHE E 116 -3.47 24.48 14.75
CA PHE E 116 -2.42 25.47 14.75
C PHE E 116 -0.99 24.94 14.87
N PRO E 117 -0.69 24.16 15.91
CA PRO E 117 0.68 23.66 16.03
C PRO E 117 1.20 22.94 14.79
N TYR E 118 0.30 22.35 14.01
CA TYR E 118 0.74 21.69 12.79
C TYR E 118 1.09 22.77 11.76
N ALA E 119 0.26 23.81 11.67
CA ALA E 119 0.50 24.91 10.75
C ALA E 119 1.77 25.65 11.15
N ARG E 120 2.02 25.75 12.46
CA ARG E 120 3.21 26.44 12.93
C ARG E 120 4.47 25.72 12.47
N GLU E 121 4.49 24.40 12.62
CA GLU E 121 5.65 23.62 12.20
C GLU E 121 5.85 23.70 10.69
N LEU E 122 4.77 23.76 9.93
CA LEU E 122 4.87 23.88 8.47
C LEU E 122 5.56 25.19 8.10
N VAL E 123 5.11 26.30 8.71
CA VAL E 123 5.68 27.62 8.45
C VAL E 123 7.15 27.62 8.85
N SER E 124 7.43 27.06 10.02
CA SER E 124 8.79 27.01 10.52
C SER E 124 9.69 26.20 9.56
N ASN E 125 9.19 25.06 9.11
CA ASN E 125 9.87 24.16 8.17
C ASN E 125 10.25 24.92 6.88
N LEU E 126 9.27 25.56 6.25
CA LEU E 126 9.50 26.33 5.02
C LEU E 126 10.47 27.49 5.22
N VAL E 127 10.31 28.24 6.30
CA VAL E 127 11.21 29.36 6.58
C VAL E 127 12.64 28.83 6.64
N ASN E 128 12.82 27.70 7.34
CA ASN E 128 14.13 27.06 7.46
C ASN E 128 14.76 26.78 6.10
N ARG E 129 13.93 26.30 5.17
CA ARG E 129 14.40 25.96 3.84
C ARG E 129 14.87 27.16 3.08
N GLY E 130 14.48 28.35 3.54
CA GLY E 130 14.91 29.56 2.86
C GLY E 130 16.17 30.07 3.53
N THR E 131 16.59 29.35 4.57
CA THR E 131 17.76 29.67 5.39
C THR E 131 17.63 31.02 6.10
N PHE E 132 16.41 31.33 6.53
CA PHE E 132 16.13 32.55 7.26
C PHE E 132 16.16 32.17 8.74
N PRO E 133 16.47 33.13 9.63
CA PRO E 133 16.46 32.70 11.02
C PRO E 133 15.05 32.20 11.43
N ALA E 134 15.04 31.17 12.26
CA ALA E 134 13.81 30.54 12.72
C ALA E 134 12.63 31.47 13.04
N LEU E 135 11.44 31.02 12.66
CA LEU E 135 10.20 31.75 12.89
C LEU E 135 9.20 30.76 13.44
N ASN E 136 8.95 30.84 14.74
CA ASN E 136 8.02 29.93 15.38
C ASN E 136 6.86 30.77 15.86
N LEU E 137 5.81 30.85 15.05
CA LEU E 137 4.64 31.65 15.42
C LEU E 137 4.21 31.48 16.87
N SER E 138 3.92 32.61 17.50
CA SER E 138 3.49 32.66 18.89
C SER E 138 2.10 32.07 19.05
N PRO E 139 1.81 31.50 20.23
CA PRO E 139 0.51 30.88 20.54
C PRO E 139 -0.62 31.79 20.13
N VAL E 140 -1.70 31.22 19.63
CA VAL E 140 -2.84 32.02 19.23
C VAL E 140 -4.06 31.54 19.98
N ASN E 141 -4.98 32.43 20.32
CA ASN E 141 -6.18 32.01 21.03
C ASN E 141 -7.39 32.30 20.16
N PHE E 142 -8.09 31.26 19.78
CA PHE E 142 -9.25 31.41 18.90
C PHE E 142 -10.57 31.76 19.60
N ASP E 143 -10.62 31.65 20.93
CA ASP E 143 -11.85 31.99 21.63
C ASP E 143 -12.27 33.38 21.17
N ALA E 144 -11.28 34.26 21.04
CA ALA E 144 -11.53 35.63 20.61
C ALA E 144 -12.37 35.60 19.32
N LEU E 145 -11.96 34.78 18.36
CA LEU E 145 -12.67 34.67 17.10
C LEU E 145 -14.12 34.20 17.32
N PHE E 146 -14.26 33.04 17.96
CA PHE E 146 -15.57 32.48 18.25
C PHE E 146 -16.54 33.58 18.58
N VAL E 147 -16.10 34.49 19.46
CA VAL E 147 -16.92 35.63 19.87
C VAL E 147 -17.23 36.49 18.63
N GLU E 148 -16.19 37.04 18.01
CA GLU E 148 -16.39 37.88 16.81
C GLU E 148 -17.31 37.17 15.81
N TYR E 149 -17.34 35.84 15.90
CA TYR E 149 -18.17 35.02 15.04
C TYR E 149 -19.61 35.17 15.51
N MET E 150 -19.84 34.80 16.76
CA MET E 150 -21.15 34.88 17.40
C MET E 150 -21.81 36.24 17.25
N ASN E 151 -21.00 37.29 17.16
CA ASN E 151 -21.54 38.62 17.03
C ASN E 151 -22.01 38.85 15.60
N ARG E 152 -21.24 38.33 14.65
CA ARG E 152 -21.59 38.49 13.23
C ARG E 152 -22.85 37.69 12.94
N GLN E 153 -22.99 36.56 13.63
CA GLN E 153 -24.15 35.70 13.46
C GLN E 153 -25.40 36.44 13.91
N GLN E 154 -25.31 37.11 15.06
CA GLN E 154 -26.42 37.87 15.61
C GLN E 154 -27.03 38.85 14.61
N ALA E 155 -26.26 39.18 13.57
CA ALA E 155 -26.72 40.10 12.54
C ALA E 155 -27.46 39.35 11.44
N GLN F 15 44.48 26.25 -9.37
CA GLN F 15 43.79 24.97 -9.73
C GLN F 15 42.39 25.23 -10.31
N PRO F 16 41.37 24.72 -9.64
CA PRO F 16 39.98 24.89 -10.06
C PRO F 16 39.14 24.78 -8.79
N VAL F 17 38.20 25.71 -8.60
CA VAL F 17 37.37 25.66 -7.39
C VAL F 17 35.87 25.64 -7.60
N LEU F 18 35.23 24.79 -6.83
CA LEU F 18 33.79 24.62 -6.84
C LEU F 18 33.37 24.42 -5.40
N GLN F 19 32.80 25.47 -4.82
CA GLN F 19 32.35 25.39 -3.45
C GLN F 19 30.93 25.88 -3.32
N ILE F 20 30.22 25.24 -2.40
CA ILE F 20 28.83 25.56 -2.13
C ILE F 20 28.77 26.66 -1.09
N GLN F 21 28.19 27.80 -1.45
CA GLN F 21 28.08 28.92 -0.53
C GLN F 21 26.77 28.89 0.27
N ARG F 22 25.66 28.60 -0.39
CA ARG F 22 24.37 28.59 0.27
C ARG F 22 23.33 27.84 -0.54
N ILE F 23 22.48 27.06 0.13
CA ILE F 23 21.42 26.33 -0.55
C ILE F 23 20.10 26.79 0.07
N TYR F 24 19.19 27.25 -0.79
CA TYR F 24 17.92 27.79 -0.32
C TYR F 24 16.80 27.65 -1.34
N VAL F 25 15.58 27.85 -0.89
CA VAL F 25 14.45 27.76 -1.78
C VAL F 25 13.97 29.15 -2.14
N LYS F 26 13.72 29.38 -3.43
CA LYS F 26 13.26 30.68 -3.87
C LYS F 26 11.74 30.69 -4.00
N ASP F 27 11.15 29.54 -4.31
CA ASP F 27 9.71 29.46 -4.44
C ASP F 27 9.21 28.02 -4.22
N VAL F 28 8.07 27.89 -3.56
CA VAL F 28 7.49 26.60 -3.27
C VAL F 28 5.98 26.70 -3.37
N SER F 29 5.36 25.66 -3.93
CA SER F 29 3.93 25.65 -4.06
C SER F 29 3.42 24.22 -4.03
N PHE F 30 2.39 23.98 -3.24
CA PHE F 30 1.77 22.65 -3.14
C PHE F 30 0.27 22.87 -3.09
N GLU F 31 -0.46 22.15 -3.93
CA GLU F 31 -1.89 22.30 -3.98
C GLU F 31 -2.63 20.97 -4.10
N ALA F 32 -3.65 20.80 -3.26
CA ALA F 32 -4.49 19.61 -3.23
C ALA F 32 -5.94 20.08 -3.28
N PRO F 33 -6.40 20.50 -4.46
CA PRO F 33 -7.75 21.00 -4.73
C PRO F 33 -8.92 20.16 -4.28
N ASN F 34 -8.87 18.87 -4.59
CA ASN F 34 -9.99 17.99 -4.28
C ASN F 34 -9.96 17.21 -2.97
N LEU F 35 -9.59 17.86 -1.88
CA LEU F 35 -9.60 17.18 -0.60
C LEU F 35 -10.87 17.60 0.13
N PRO F 36 -11.41 16.71 1.00
CA PRO F 36 -10.86 15.40 1.30
C PRO F 36 -11.49 14.25 0.49
N HIS F 37 -12.47 14.55 -0.36
CA HIS F 37 -13.12 13.47 -1.12
C HIS F 37 -12.22 12.68 -2.08
N ILE F 38 -11.17 13.27 -2.62
CA ILE F 38 -10.29 12.54 -3.53
C ILE F 38 -9.73 11.30 -2.82
N PHE F 39 -9.74 11.30 -1.50
CA PHE F 39 -9.24 10.18 -0.70
C PHE F 39 -10.14 8.96 -0.78
N GLN F 40 -11.30 9.11 -1.42
CA GLN F 40 -12.27 8.04 -1.54
C GLN F 40 -12.11 7.30 -2.88
N GLN F 41 -11.36 7.90 -3.78
CA GLN F 41 -11.12 7.30 -5.10
C GLN F 41 -10.04 6.23 -4.95
N GLU F 42 -9.95 5.31 -5.90
CA GLU F 42 -8.93 4.28 -5.80
C GLU F 42 -7.61 4.93 -6.21
N TRP F 43 -6.60 4.73 -5.39
CA TRP F 43 -5.30 5.32 -5.65
C TRP F 43 -4.57 4.73 -6.84
N LYS F 44 -4.94 5.19 -8.04
CA LYS F 44 -4.30 4.72 -9.25
C LYS F 44 -3.67 5.98 -9.83
N PRO F 45 -2.52 6.39 -9.29
CA PRO F 45 -1.74 7.58 -9.67
C PRO F 45 -1.02 7.63 -11.00
N LYS F 46 -1.15 8.77 -11.67
CA LYS F 46 -0.49 9.06 -12.93
C LYS F 46 0.35 10.32 -12.69
N LEU F 47 1.67 10.15 -12.61
CA LEU F 47 2.60 11.25 -12.33
C LEU F 47 3.17 12.03 -13.53
N GLY F 48 3.03 13.35 -13.46
CA GLY F 48 3.58 14.22 -14.49
C GLY F 48 4.78 14.90 -13.85
N PHE F 49 5.95 14.81 -14.46
CA PHE F 49 7.17 15.39 -13.89
C PHE F 49 7.92 16.29 -14.86
N ASP F 50 8.00 17.58 -14.53
CA ASP F 50 8.70 18.57 -15.35
C ASP F 50 9.96 19.02 -14.62
N LEU F 51 11.04 19.28 -15.35
CA LEU F 51 12.28 19.70 -14.72
C LEU F 51 13.11 20.57 -15.64
N SER F 52 13.81 21.53 -15.06
CA SER F 52 14.64 22.46 -15.82
C SER F 52 15.58 23.20 -14.89
N THR F 53 16.62 23.78 -15.47
CA THR F 53 17.60 24.51 -14.69
C THR F 53 17.94 25.83 -15.36
N GLU F 54 18.48 26.77 -14.58
CA GLU F 54 18.89 28.05 -15.10
C GLU F 54 19.90 28.64 -14.14
N THR F 55 20.84 29.39 -14.68
CA THR F 55 21.88 30.00 -13.86
C THR F 55 22.00 31.51 -14.06
N THR F 56 22.54 32.18 -13.04
CA THR F 56 22.75 33.61 -13.10
C THR F 56 23.99 33.91 -12.30
N GLN F 57 24.88 34.70 -12.89
CA GLN F 57 26.11 35.11 -12.24
C GLN F 57 25.63 36.15 -11.27
N VAL F 58 25.98 35.99 -10.01
CA VAL F 58 25.52 36.90 -9.00
C VAL F 58 26.67 37.62 -8.30
N GLY F 59 27.88 37.40 -8.81
CA GLY F 59 29.05 38.02 -8.26
C GLY F 59 30.29 37.50 -8.96
N ASP F 60 31.47 37.86 -8.46
CA ASP F 60 32.70 37.39 -9.07
C ASP F 60 32.87 35.94 -8.70
N ASP F 61 32.81 35.07 -9.71
CA ASP F 61 32.94 33.64 -9.50
C ASP F 61 31.81 33.10 -8.64
N LEU F 62 30.75 33.88 -8.54
CA LEU F 62 29.56 33.51 -7.76
C LEU F 62 28.38 33.29 -8.68
N TYR F 63 27.88 32.06 -8.70
CA TYR F 63 26.72 31.77 -9.54
C TYR F 63 25.57 31.18 -8.72
N GLU F 64 24.35 31.60 -9.07
CA GLU F 64 23.18 31.06 -8.40
C GLU F 64 22.57 30.10 -9.40
N VAL F 65 22.59 28.82 -9.07
CA VAL F 65 22.03 27.82 -9.97
C VAL F 65 20.66 27.44 -9.43
N VAL F 66 19.67 27.45 -10.32
CA VAL F 66 18.32 27.13 -9.89
C VAL F 66 17.78 25.87 -10.55
N LEU F 67 17.24 24.98 -9.72
CA LEU F 67 16.64 23.75 -10.20
C LEU F 67 15.13 23.88 -10.08
N ASN F 68 14.43 23.84 -11.20
CA ASN F 68 12.99 23.96 -11.19
C ASN F 68 12.35 22.58 -11.37
N ILE F 69 11.47 22.23 -10.45
CA ILE F 69 10.80 20.95 -10.51
C ILE F 69 9.27 21.08 -10.38
N SER F 70 8.54 20.58 -11.37
CA SER F 70 7.09 20.63 -11.34
C SER F 70 6.59 19.21 -11.31
N VAL F 71 5.65 18.93 -10.42
CA VAL F 71 5.15 17.59 -10.30
C VAL F 71 3.63 17.59 -10.13
N GLU F 72 2.94 16.81 -10.94
CA GLU F 72 1.50 16.74 -10.86
C GLU F 72 1.04 15.29 -10.91
N THR F 73 0.16 14.93 -9.97
CA THR F 73 -0.34 13.57 -9.89
C THR F 73 -1.84 13.54 -10.04
N THR F 74 -2.32 12.73 -10.97
CA THR F 74 -3.75 12.60 -11.20
C THR F 74 -4.14 11.15 -11.03
N LEU F 75 -5.40 10.90 -10.69
CA LEU F 75 -5.88 9.54 -10.54
C LEU F 75 -6.49 9.16 -11.88
N GLU F 76 -6.04 8.06 -12.48
CA GLU F 76 -6.51 7.68 -13.80
C GLU F 76 -7.99 7.39 -14.02
N ASP F 77 -8.63 6.65 -13.12
CA ASP F 77 -10.04 6.33 -13.29
C ASP F 77 -11.01 7.49 -13.08
N SER F 78 -10.53 8.72 -13.26
CA SER F 78 -11.40 9.90 -13.09
C SER F 78 -10.72 11.16 -13.59
N GLY F 79 -9.40 11.14 -13.69
CA GLY F 79 -8.68 12.30 -14.18
C GLY F 79 -8.50 13.44 -13.20
N ASP F 80 -9.12 13.33 -12.02
CA ASP F 80 -9.01 14.36 -11.00
C ASP F 80 -7.57 14.56 -10.53
N VAL F 81 -7.21 15.80 -10.20
CA VAL F 81 -5.87 16.07 -9.72
C VAL F 81 -5.80 15.75 -8.23
N ALA F 82 -4.81 14.95 -7.85
CA ALA F 82 -4.63 14.61 -6.46
C ALA F 82 -3.84 15.75 -5.84
N PHE F 83 -2.78 16.18 -6.53
CA PHE F 83 -1.94 17.28 -6.05
C PHE F 83 -0.96 17.80 -7.10
N ILE F 84 -0.58 19.06 -6.95
CA ILE F 84 0.38 19.70 -7.83
C ILE F 84 1.46 20.28 -6.93
N CYS F 85 2.71 20.10 -7.29
CA CYS F 85 3.79 20.60 -6.46
C CYS F 85 4.93 21.18 -7.29
N GLU F 86 5.20 22.45 -7.11
CA GLU F 86 6.27 23.12 -7.84
C GLU F 86 7.32 23.63 -6.86
N VAL F 87 8.58 23.35 -7.15
CA VAL F 87 9.68 23.77 -6.31
C VAL F 87 10.80 24.44 -7.13
N LYS F 88 11.33 25.53 -6.58
CA LYS F 88 12.41 26.25 -7.22
C LYS F 88 13.56 26.22 -6.22
N GLN F 89 14.33 25.14 -6.27
CA GLN F 89 15.47 24.93 -5.38
C GLN F 89 16.69 25.59 -5.99
N ALA F 90 17.43 26.34 -5.19
CA ALA F 90 18.61 27.00 -5.70
C ALA F 90 19.81 26.91 -4.78
N GLY F 91 20.93 27.39 -5.27
CA GLY F 91 22.16 27.37 -4.50
C GLY F 91 23.14 28.37 -5.09
N VAL F 92 23.95 28.98 -4.23
CA VAL F 92 24.95 29.92 -4.70
C VAL F 92 26.27 29.20 -4.63
N PHE F 93 26.95 29.10 -5.78
CA PHE F 93 28.23 28.40 -5.80
C PHE F 93 29.37 29.28 -6.24
N THR F 94 30.55 28.97 -5.73
CA THR F 94 31.75 29.70 -6.11
C THR F 94 32.42 28.78 -7.12
N ILE F 95 32.48 29.22 -8.37
CA ILE F 95 33.07 28.40 -9.42
C ILE F 95 34.09 29.18 -10.23
N SER F 96 35.26 28.57 -10.43
CA SER F 96 36.31 29.22 -11.20
C SER F 96 37.39 28.24 -11.68
N GLY F 97 38.01 28.60 -12.80
CA GLY F 97 39.08 27.78 -13.35
C GLY F 97 38.62 26.64 -14.23
N LEU F 98 37.64 26.89 -15.09
CA LEU F 98 37.14 25.85 -15.99
C LEU F 98 36.91 26.41 -17.38
N GLU F 99 37.25 25.61 -18.38
CA GLU F 99 37.07 26.01 -19.77
C GLU F 99 35.58 26.07 -20.11
N ASP F 100 35.23 26.86 -21.12
CA ASP F 100 33.84 27.01 -21.53
C ASP F 100 32.95 25.78 -21.36
N VAL F 101 33.39 24.66 -21.92
CA VAL F 101 32.60 23.44 -21.85
C VAL F 101 32.55 22.85 -20.45
N GLN F 102 33.68 22.80 -19.76
CA GLN F 102 33.69 22.25 -18.43
C GLN F 102 32.77 23.05 -17.50
N MET F 103 32.76 24.38 -17.67
CA MET F 103 31.91 25.26 -16.87
C MET F 103 30.45 25.02 -17.21
N ALA F 104 30.16 24.80 -18.49
CA ALA F 104 28.77 24.55 -18.90
C ALA F 104 28.28 23.25 -18.26
N HIS F 105 29.14 22.25 -18.19
CA HIS F 105 28.71 21.01 -17.58
C HIS F 105 28.49 21.20 -16.08
N CYS F 106 29.33 22.02 -15.45
CA CYS F 106 29.22 22.30 -14.01
C CYS F 106 27.93 23.04 -13.68
N LEU F 107 27.55 23.98 -14.54
CA LEU F 107 26.35 24.76 -14.32
C LEU F 107 25.04 24.05 -14.62
N THR F 108 25.04 23.18 -15.63
CA THR F 108 23.82 22.50 -15.99
C THR F 108 23.70 21.05 -15.55
N SER F 109 24.77 20.49 -14.98
CA SER F 109 24.70 19.11 -14.53
C SER F 109 25.24 18.89 -13.12
N GLN F 110 26.50 19.24 -12.88
CA GLN F 110 27.09 19.01 -11.57
C GLN F 110 26.37 19.73 -10.45
N CYS F 111 26.10 21.02 -10.62
CA CYS F 111 25.40 21.77 -9.59
C CYS F 111 23.93 21.36 -9.47
N PRO F 112 23.18 21.34 -10.59
CA PRO F 112 21.78 20.92 -10.45
C PRO F 112 21.71 19.58 -9.72
N ASN F 113 22.69 18.72 -9.97
CA ASN F 113 22.70 17.42 -9.32
C ASN F 113 22.87 17.51 -7.81
N MET F 114 23.66 18.47 -7.34
CA MET F 114 23.85 18.62 -5.91
C MET F 114 22.57 19.14 -5.27
N LEU F 115 21.81 19.93 -6.04
CA LEU F 115 20.56 20.51 -5.57
C LEU F 115 19.37 19.55 -5.60
N PHE F 116 19.43 18.54 -6.47
CA PHE F 116 18.33 17.60 -6.61
C PHE F 116 17.86 16.95 -5.31
N PRO F 117 18.76 16.28 -4.59
CA PRO F 117 18.29 15.65 -3.35
C PRO F 117 17.58 16.61 -2.37
N TYR F 118 17.92 17.89 -2.42
CA TYR F 118 17.28 18.88 -1.56
C TYR F 118 15.84 19.06 -2.05
N ALA F 119 15.65 19.25 -3.35
CA ALA F 119 14.31 19.43 -3.90
C ALA F 119 13.50 18.16 -3.79
N ARG F 120 14.17 17.01 -3.83
CA ARG F 120 13.47 15.75 -3.72
C ARG F 120 12.85 15.68 -2.33
N GLU F 121 13.64 16.02 -1.32
CA GLU F 121 13.20 16.01 0.06
C GLU F 121 12.02 16.96 0.27
N LEU F 122 12.09 18.13 -0.35
CA LEU F 122 11.01 19.08 -0.18
C LEU F 122 9.73 18.56 -0.80
N VAL F 123 9.82 18.00 -1.99
CA VAL F 123 8.63 17.48 -2.65
C VAL F 123 8.02 16.35 -1.83
N SER F 124 8.85 15.45 -1.31
CA SER F 124 8.33 14.36 -0.51
C SER F 124 7.70 14.89 0.79
N ASN F 125 8.35 15.88 1.41
CA ASN F 125 7.86 16.48 2.65
C ASN F 125 6.47 17.06 2.46
N LEU F 126 6.28 17.85 1.41
CA LEU F 126 5.00 18.46 1.13
C LEU F 126 3.93 17.43 0.78
N VAL F 127 4.28 16.43 -0.03
CA VAL F 127 3.27 15.43 -0.40
C VAL F 127 2.80 14.70 0.84
N ASN F 128 3.72 14.40 1.76
CA ASN F 128 3.32 13.73 2.99
C ASN F 128 2.37 14.59 3.81
N ARG F 129 2.53 15.91 3.78
CA ARG F 129 1.64 16.77 4.55
C ARG F 129 0.23 16.76 3.97
N GLY F 130 0.11 16.25 2.76
CA GLY F 130 -1.19 16.17 2.14
C GLY F 130 -1.75 14.78 2.41
N THR F 131 -0.99 14.01 3.18
CA THR F 131 -1.35 12.63 3.53
C THR F 131 -1.54 11.74 2.31
N PHE F 132 -0.72 11.95 1.29
CA PHE F 132 -0.79 11.10 0.11
C PHE F 132 0.33 10.11 0.25
N PRO F 133 0.23 8.97 -0.45
CA PRO F 133 1.30 7.98 -0.34
C PRO F 133 2.64 8.58 -0.81
N ALA F 134 3.70 8.23 -0.10
CA ALA F 134 5.05 8.72 -0.38
C ALA F 134 5.40 8.88 -1.84
N LEU F 135 6.10 9.97 -2.15
CA LEU F 135 6.55 10.27 -3.50
C LEU F 135 8.00 10.73 -3.43
N ASN F 136 8.92 9.81 -3.72
CA ASN F 136 10.34 10.15 -3.70
C ASN F 136 10.87 10.08 -5.11
N LEU F 137 10.95 11.24 -5.76
CA LEU F 137 11.41 11.35 -7.13
C LEU F 137 12.63 10.48 -7.38
N SER F 138 12.61 9.75 -8.48
CA SER F 138 13.73 8.89 -8.81
C SER F 138 14.87 9.70 -9.34
N PRO F 139 16.10 9.20 -9.15
CA PRO F 139 17.33 9.86 -9.60
C PRO F 139 17.20 10.41 -10.99
N VAL F 140 17.79 11.59 -11.23
CA VAL F 140 17.76 12.18 -12.54
C VAL F 140 19.17 12.27 -13.06
N ASN F 141 19.35 11.93 -14.33
CA ASN F 141 20.67 12.08 -14.89
C ASN F 141 20.65 13.48 -15.46
N PHE F 142 21.42 14.38 -14.85
CA PHE F 142 21.42 15.74 -15.32
C PHE F 142 22.26 15.98 -16.54
N ASP F 143 23.07 14.98 -16.90
CA ASP F 143 23.90 15.13 -18.09
C ASP F 143 23.00 15.50 -19.26
N ALA F 144 21.73 15.11 -19.18
CA ALA F 144 20.79 15.42 -20.25
C ALA F 144 20.66 16.91 -20.44
N LEU F 145 20.69 17.65 -19.33
CA LEU F 145 20.56 19.10 -19.39
C LEU F 145 21.81 19.71 -19.99
N PHE F 146 22.96 19.11 -19.67
CA PHE F 146 24.23 19.59 -20.21
C PHE F 146 24.13 19.56 -21.72
N VAL F 147 23.84 18.38 -22.27
CA VAL F 147 23.70 18.21 -23.70
C VAL F 147 22.70 19.20 -24.26
N GLU F 148 21.53 19.32 -23.63
CA GLU F 148 20.52 20.24 -24.13
C GLU F 148 21.09 21.67 -24.22
N TYR F 149 21.96 22.03 -23.28
CA TYR F 149 22.58 23.35 -23.31
C TYR F 149 23.58 23.44 -24.47
N MET F 150 24.41 22.40 -24.62
CA MET F 150 25.40 22.36 -25.68
C MET F 150 24.78 22.37 -27.08
N ASN F 151 23.74 21.57 -27.31
CA ASN F 151 23.10 21.55 -28.63
C ASN F 151 22.47 22.90 -28.96
N ARG F 152 22.06 23.60 -27.92
CA ARG F 152 21.45 24.92 -28.05
C ARG F 152 22.47 25.85 -28.68
N GLN F 153 23.74 25.62 -28.34
CA GLN F 153 24.85 26.42 -28.84
C GLN F 153 25.32 26.05 -30.24
N GLN F 154 25.09 24.80 -30.65
CA GLN F 154 25.52 24.33 -31.96
C GLN F 154 24.94 25.09 -33.16
N ALA F 155 24.29 26.23 -32.92
CA ALA F 155 23.74 27.02 -34.02
C ALA F 155 24.48 28.33 -34.20
N GLU F 156 24.78 29.01 -33.08
CA GLU F 156 25.52 30.26 -33.13
C GLU F 156 26.93 29.95 -33.59
N ASN F 157 27.33 28.70 -33.43
CA ASN F 157 28.66 28.23 -33.83
C ASN F 157 28.76 28.13 -35.34
N ALA F 158 27.66 27.77 -35.99
CA ALA F 158 27.62 27.64 -37.43
C ALA F 158 27.80 29.00 -38.12
N GLU F 159 27.09 30.00 -37.62
CA GLU F 159 27.18 31.35 -38.19
C GLU F 159 28.55 31.95 -37.88
N GLU F 160 29.21 31.45 -36.86
CA GLU F 160 30.53 31.94 -36.47
C GLU F 160 31.66 31.32 -37.28
N LYS F 161 31.45 30.12 -37.80
CA LYS F 161 32.48 29.46 -38.59
C LYS F 161 32.79 30.31 -39.83
N SER F 162 32.01 31.36 -40.02
CA SER F 162 32.20 32.27 -41.15
C SER F 162 32.82 33.58 -40.64
N LYS G 5 -22.60 32.00 40.84
CA LYS G 5 -22.04 33.38 40.70
C LYS G 5 -20.80 33.41 39.80
N GLN G 6 -20.68 34.47 39.00
CA GLN G 6 -19.53 34.65 38.11
C GLN G 6 -18.69 35.81 38.65
N ASP G 7 -17.61 35.48 39.36
CA ASP G 7 -16.73 36.49 39.94
C ASP G 7 -15.32 36.45 39.35
N VAL G 8 -15.10 37.16 38.25
CA VAL G 8 -13.81 37.19 37.57
C VAL G 8 -12.68 37.66 38.48
N ALA G 9 -11.91 36.72 39.03
CA ALA G 9 -10.78 37.03 39.91
C ALA G 9 -9.73 37.90 39.21
N ALA G 10 -9.24 38.93 39.89
CA ALA G 10 -8.24 39.85 39.36
C ALA G 10 -7.15 39.27 38.44
N THR G 11 -6.89 39.94 37.33
CA THR G 11 -5.87 39.51 36.37
C THR G 11 -4.49 40.06 36.77
N GLU G 12 -3.43 39.63 36.08
CA GLU G 12 -2.07 40.07 36.38
C GLU G 12 -1.76 41.54 36.05
N GLU G 13 -0.75 42.07 36.75
CA GLU G 13 -0.35 43.46 36.57
C GLU G 13 0.06 43.74 35.13
N GLN G 14 0.73 42.77 34.52
CA GLN G 14 1.19 42.84 33.14
C GLN G 14 0.79 41.55 32.44
N GLN G 15 0.37 41.65 31.17
CA GLN G 15 -0.02 40.46 30.41
C GLN G 15 0.97 39.32 30.66
N PRO G 16 0.48 38.17 31.12
CA PRO G 16 1.38 37.03 31.38
C PRO G 16 2.09 36.73 30.07
N VAL G 17 3.25 36.08 30.13
CA VAL G 17 3.94 35.81 28.89
C VAL G 17 4.25 34.36 28.57
N LEU G 18 3.86 33.95 27.37
CA LEU G 18 4.14 32.61 26.88
C LEU G 18 4.67 32.82 25.47
N GLN G 19 5.99 32.86 25.34
CA GLN G 19 6.62 33.06 24.03
C GLN G 19 7.67 32.01 23.67
N ILE G 20 7.74 31.68 22.38
CA ILE G 20 8.69 30.68 21.90
C ILE G 20 9.98 31.38 21.53
N GLN G 21 11.07 31.03 22.20
CA GLN G 21 12.38 31.64 21.92
C GLN G 21 13.10 30.91 20.82
N ARG G 22 13.14 29.59 20.93
CA ARG G 22 13.78 28.79 19.90
C ARG G 22 13.44 27.32 20.01
N ILE G 23 13.31 26.67 18.85
CA ILE G 23 13.03 25.26 18.85
C ILE G 23 14.18 24.57 18.16
N TYR G 24 14.68 23.54 18.81
CA TYR G 24 15.83 22.82 18.30
C TYR G 24 15.81 21.36 18.74
N VAL G 25 16.64 20.55 18.10
CA VAL G 25 16.73 19.14 18.44
C VAL G 25 18.00 18.94 19.25
N LYS G 26 17.88 18.22 20.36
CA LYS G 26 19.04 17.96 21.20
C LYS G 26 19.70 16.63 20.82
N ASP G 27 18.89 15.66 20.42
CA ASP G 27 19.42 14.36 20.01
C ASP G 27 18.46 13.64 19.08
N VAL G 28 19.02 12.96 18.09
CA VAL G 28 18.22 12.20 17.14
C VAL G 28 18.92 10.91 16.79
N SER G 29 18.13 9.88 16.57
CA SER G 29 18.67 8.57 16.27
C SER G 29 17.69 7.78 15.42
N PHE G 30 18.18 7.21 14.33
CA PHE G 30 17.35 6.37 13.46
C PHE G 30 18.18 5.16 13.07
N GLU G 31 17.62 3.98 13.25
CA GLU G 31 18.36 2.78 12.94
C GLU G 31 17.48 1.75 12.22
N ALA G 32 18.02 1.17 11.15
CA ALA G 32 17.34 0.14 10.36
C ALA G 32 18.39 -0.94 10.14
N PRO G 33 18.57 -1.81 11.13
CA PRO G 33 19.51 -2.93 11.20
C PRO G 33 19.45 -3.95 10.08
N ASN G 34 18.25 -4.44 9.79
CA ASN G 34 18.06 -5.48 8.80
C ASN G 34 17.79 -5.04 7.36
N LEU G 35 18.54 -4.07 6.87
CA LEU G 35 18.36 -3.64 5.49
C LEU G 35 19.47 -4.26 4.66
N PRO G 36 19.21 -4.56 3.38
CA PRO G 36 17.93 -4.36 2.71
C PRO G 36 16.99 -5.57 2.69
N HIS G 37 17.41 -6.70 3.22
CA HIS G 37 16.56 -7.89 3.21
C HIS G 37 15.20 -7.76 3.88
N ILE G 38 15.09 -6.93 4.91
CA ILE G 38 13.80 -6.76 5.61
C ILE G 38 12.71 -6.37 4.60
N PHE G 39 13.12 -5.72 3.52
CA PHE G 39 12.19 -5.27 2.49
C PHE G 39 11.52 -6.42 1.75
N GLN G 40 11.97 -7.64 2.02
CA GLN G 40 11.42 -8.82 1.37
C GLN G 40 10.32 -9.46 2.19
N GLN G 41 10.21 -9.05 3.45
CA GLN G 41 9.18 -9.58 4.34
C GLN G 41 7.86 -8.89 4.06
N GLU G 42 6.75 -9.51 4.45
CA GLU G 42 5.47 -8.89 4.23
C GLU G 42 5.36 -7.76 5.26
N TRP G 43 5.06 -6.56 4.78
CA TRP G 43 4.96 -5.41 5.67
C TRP G 43 3.73 -5.42 6.57
N LYS G 44 3.83 -6.16 7.68
CA LYS G 44 2.75 -6.24 8.64
C LYS G 44 3.40 -5.67 9.92
N PRO G 45 3.47 -4.33 10.00
CA PRO G 45 4.06 -3.58 11.10
C PRO G 45 3.39 -3.55 12.47
N LYS G 46 4.24 -3.61 13.50
CA LYS G 46 3.80 -3.53 14.90
C LYS G 46 4.57 -2.34 15.47
N LEU G 47 3.85 -1.28 15.78
CA LEU G 47 4.47 -0.06 16.29
C LEU G 47 4.52 0.11 17.80
N GLY G 48 5.73 0.36 18.30
CA GLY G 48 5.94 0.59 19.73
C GLY G 48 6.24 2.08 19.87
N PHE G 49 5.44 2.80 20.67
CA PHE G 49 5.60 4.24 20.84
C PHE G 49 5.74 4.67 22.29
N ASP G 50 6.88 5.25 22.61
CA ASP G 50 7.11 5.72 23.97
C ASP G 50 7.25 7.25 23.94
N LEU G 51 6.73 7.91 24.98
CA LEU G 51 6.77 9.38 25.04
C LEU G 51 6.89 9.92 26.46
N SER G 52 7.57 11.05 26.60
CA SER G 52 7.75 11.69 27.91
C SER G 52 8.33 13.09 27.73
N THR G 53 8.14 13.95 28.72
CA THR G 53 8.66 15.31 28.67
C THR G 53 9.41 15.64 29.95
N GLU G 54 10.25 16.67 29.88
CA GLU G 54 11.01 17.12 31.03
C GLU G 54 11.34 18.59 30.85
N THR G 55 11.36 19.34 31.95
CA THR G 55 11.62 20.77 31.92
C THR G 55 12.86 21.17 32.70
N THR G 56 13.46 22.29 32.31
CA THR G 56 14.63 22.81 32.98
C THR G 56 14.64 24.32 32.84
N GLN G 57 14.73 25.02 33.96
CA GLN G 57 14.77 26.48 33.89
C GLN G 57 16.18 26.80 33.43
N VAL G 58 16.29 27.57 32.36
CA VAL G 58 17.60 27.91 31.81
C VAL G 58 17.89 29.41 31.92
N GLY G 59 17.02 30.12 32.63
CA GLY G 59 17.21 31.56 32.81
C GLY G 59 16.03 32.14 33.56
N ASP G 60 15.98 33.47 33.65
CA ASP G 60 14.86 34.10 34.35
C ASP G 60 13.68 34.08 33.39
N ASP G 61 12.64 33.36 33.78
CA ASP G 61 11.45 33.24 32.94
C ASP G 61 11.71 32.41 31.68
N LEU G 62 12.89 31.80 31.60
CA LEU G 62 13.23 30.99 30.45
C LEU G 62 13.33 29.52 30.83
N TYR G 63 12.50 28.71 30.17
CA TYR G 63 12.48 27.29 30.44
C TYR G 63 12.72 26.49 29.16
N GLU G 64 13.48 25.41 29.28
CA GLU G 64 13.75 24.53 28.15
C GLU G 64 12.83 23.33 28.34
N VAL G 65 11.87 23.16 27.44
CA VAL G 65 10.96 22.02 27.53
C VAL G 65 11.43 20.98 26.50
N VAL G 66 11.65 19.75 26.96
CA VAL G 66 12.11 18.69 26.08
C VAL G 66 11.08 17.57 25.90
N LEU G 67 10.79 17.24 24.65
CA LEU G 67 9.84 16.18 24.33
C LEU G 67 10.64 14.98 23.85
N ASN G 68 10.51 13.87 24.55
CA ASN G 68 11.21 12.64 24.20
C ASN G 68 10.26 11.68 23.53
N ILE G 69 10.60 11.29 22.31
CA ILE G 69 9.76 10.35 21.59
C ILE G 69 10.59 9.18 21.09
N SER G 70 10.12 7.98 21.39
CA SER G 70 10.81 6.78 20.98
C SER G 70 9.82 5.95 20.18
N VAL G 71 10.25 5.48 19.02
CA VAL G 71 9.38 4.69 18.16
C VAL G 71 10.11 3.46 17.62
N GLU G 72 9.50 2.29 17.74
CA GLU G 72 10.10 1.07 17.22
C GLU G 72 9.06 0.30 16.44
N THR G 73 9.40 -0.10 15.22
CA THR G 73 8.48 -0.85 14.39
C THR G 73 9.06 -2.20 14.04
N THR G 74 8.29 -3.25 14.30
CA THR G 74 8.71 -4.61 14.00
C THR G 74 7.64 -5.23 13.11
N LEU G 75 8.05 -6.24 12.35
CA LEU G 75 7.14 -6.96 11.46
C LEU G 75 6.68 -8.19 12.23
N GLU G 76 5.37 -8.35 12.36
CA GLU G 76 4.77 -9.44 13.13
C GLU G 76 5.13 -10.88 12.82
N ASP G 77 5.03 -11.30 11.56
CA ASP G 77 5.34 -12.68 11.24
C ASP G 77 6.83 -13.03 11.19
N SER G 78 7.63 -12.38 12.03
CA SER G 78 9.07 -12.64 12.07
C SER G 78 9.70 -11.98 13.28
N GLY G 79 9.08 -10.92 13.76
CA GLY G 79 9.60 -10.22 14.92
C GLY G 79 10.79 -9.29 14.64
N ASP G 80 11.32 -9.36 13.43
CA ASP G 80 12.46 -8.55 13.05
C ASP G 80 12.18 -7.07 13.24
N VAL G 81 13.22 -6.31 13.56
CA VAL G 81 13.07 -4.87 13.74
C VAL G 81 13.16 -4.17 12.39
N ALA G 82 12.14 -3.40 12.06
CA ALA G 82 12.17 -2.69 10.79
C ALA G 82 13.04 -1.47 11.00
N PHE G 83 12.74 -0.70 12.04
CA PHE G 83 13.52 0.48 12.37
C PHE G 83 13.19 1.01 13.77
N ILE G 84 14.16 1.72 14.34
CA ILE G 84 14.01 2.31 15.67
C ILE G 84 14.34 3.78 15.50
N CYS G 85 13.52 4.65 16.07
CA CYS G 85 13.75 6.09 15.96
C CYS G 85 13.49 6.78 17.29
N GLU G 86 14.49 7.52 17.77
CA GLU G 86 14.36 8.24 19.02
C GLU G 86 14.68 9.70 18.77
N VAL G 87 13.80 10.57 19.25
CA VAL G 87 13.97 11.99 19.07
C VAL G 87 13.82 12.74 20.38
N LYS G 88 14.66 13.76 20.54
CA LYS G 88 14.67 14.62 21.71
C LYS G 88 14.44 16.04 21.18
N GLN G 89 13.18 16.37 20.94
CA GLN G 89 12.81 17.68 20.41
C GLN G 89 12.63 18.66 21.56
N ALA G 90 13.28 19.81 21.46
CA ALA G 90 13.17 20.79 22.53
C ALA G 90 12.86 22.19 22.07
N GLY G 91 12.53 23.02 23.05
CA GLY G 91 12.23 24.41 22.79
C GLY G 91 12.47 25.23 24.04
N VAL G 92 12.90 26.47 23.86
CA VAL G 92 13.15 27.38 24.97
C VAL G 92 12.00 28.39 24.94
N PHE G 93 11.25 28.42 26.04
CA PHE G 93 10.11 29.33 26.12
C PHE G 93 10.23 30.33 27.25
N THR G 94 9.66 31.50 27.04
CA THR G 94 9.63 32.56 28.03
C THR G 94 8.26 32.42 28.67
N ILE G 95 8.22 32.03 29.94
CA ILE G 95 6.95 31.86 30.63
C ILE G 95 6.91 32.63 31.94
N SER G 96 5.84 33.37 32.16
CA SER G 96 5.71 34.19 33.36
C SER G 96 4.26 34.56 33.67
N GLY G 97 3.98 34.75 34.96
CA GLY G 97 2.65 35.14 35.38
C GLY G 97 1.63 34.03 35.49
N LEU G 98 2.01 32.89 36.04
CA LEU G 98 1.08 31.78 36.18
C LEU G 98 1.20 31.09 37.53
N GLU G 99 0.05 30.72 38.11
CA GLU G 99 0.00 30.04 39.40
C GLU G 99 0.63 28.65 39.29
N ASP G 100 1.16 28.12 40.39
CA ASP G 100 1.78 26.81 40.39
C ASP G 100 1.12 25.77 39.47
N VAL G 101 -0.20 25.69 39.53
CA VAL G 101 -0.92 24.72 38.70
C VAL G 101 -0.94 25.11 37.23
N GLN G 102 -1.24 26.38 36.93
CA GLN G 102 -1.27 26.86 35.55
C GLN G 102 0.09 26.62 34.89
N MET G 103 1.15 26.87 35.65
CA MET G 103 2.52 26.70 35.18
C MET G 103 2.83 25.24 34.87
N ALA G 104 2.39 24.35 35.75
CA ALA G 104 2.64 22.92 35.55
C ALA G 104 1.94 22.43 34.29
N HIS G 105 0.75 22.95 34.03
CA HIS G 105 0.01 22.56 32.85
C HIS G 105 0.72 23.07 31.60
N CYS G 106 1.26 24.28 31.71
CA CYS G 106 1.96 24.90 30.60
C CYS G 106 3.25 24.13 30.25
N LEU G 107 3.96 23.66 31.27
CA LEU G 107 5.21 22.96 31.02
C LEU G 107 5.06 21.47 30.69
N THR G 108 3.93 20.88 31.07
CA THR G 108 3.72 19.47 30.83
C THR G 108 2.75 19.18 29.70
N SER G 109 1.98 20.19 29.30
CA SER G 109 1.00 19.99 28.25
C SER G 109 1.09 21.02 27.12
N GLN G 110 0.89 22.29 27.45
CA GLN G 110 0.92 23.34 26.44
C GLN G 110 2.17 23.38 25.59
N CYS G 111 3.33 23.46 26.22
CA CYS G 111 4.58 23.50 25.49
C CYS G 111 4.90 22.20 24.76
N PRO G 112 4.80 21.06 25.45
CA PRO G 112 5.08 19.80 24.76
C PRO G 112 4.20 19.70 23.51
N ASN G 113 2.99 20.21 23.62
CA ASN G 113 2.04 20.16 22.52
C ASN G 113 2.48 21.01 21.34
N MET G 114 3.17 22.12 21.60
CA MET G 114 3.64 22.97 20.50
C MET G 114 4.83 22.28 19.84
N LEU G 115 5.57 21.50 20.62
CA LEU G 115 6.74 20.78 20.13
C LEU G 115 6.44 19.50 19.38
N PHE G 116 5.29 18.90 19.67
CA PHE G 116 4.91 17.63 19.04
C PHE G 116 4.96 17.57 17.51
N PRO G 117 4.26 18.49 16.82
CA PRO G 117 4.33 18.37 15.36
C PRO G 117 5.74 18.54 14.77
N TYR G 118 6.63 19.18 15.51
CA TYR G 118 8.00 19.33 15.01
C TYR G 118 8.66 17.96 15.10
N ALA G 119 8.41 17.27 16.20
CA ALA G 119 8.97 15.95 16.44
C ALA G 119 8.32 14.93 15.50
N ARG G 120 7.05 15.14 15.17
CA ARG G 120 6.35 14.23 14.29
C ARG G 120 6.99 14.30 12.92
N GLU G 121 7.24 15.51 12.46
CA GLU G 121 7.85 15.75 11.16
C GLU G 121 9.24 15.11 11.07
N LEU G 122 9.98 15.17 12.17
CA LEU G 122 11.33 14.61 12.20
C LEU G 122 11.26 13.10 12.07
N VAL G 123 10.35 12.49 12.81
CA VAL G 123 10.20 11.05 12.76
C VAL G 123 9.77 10.64 11.36
N SER G 124 8.80 11.35 10.79
CA SER G 124 8.33 10.99 9.46
C SER G 124 9.43 11.18 8.40
N ASN G 125 10.24 12.22 8.54
CA ASN G 125 11.32 12.50 7.59
C ASN G 125 12.35 11.37 7.60
N LEU G 126 12.74 10.95 8.80
CA LEU G 126 13.71 9.88 8.97
C LEU G 126 13.21 8.55 8.45
N VAL G 127 11.95 8.22 8.77
CA VAL G 127 11.35 6.97 8.33
C VAL G 127 11.37 6.92 6.80
N ASN G 128 10.98 8.02 6.17
CA ASN G 128 10.97 8.09 4.71
C ASN G 128 12.36 7.87 4.13
N ARG G 129 13.40 8.32 4.81
CA ARG G 129 14.76 8.15 4.29
C ARG G 129 15.18 6.69 4.34
N GLY G 130 14.45 5.88 5.10
CA GLY G 130 14.77 4.47 5.15
C GLY G 130 13.90 3.76 4.15
N THR G 131 13.13 4.54 3.40
CA THR G 131 12.18 4.06 2.39
C THR G 131 11.13 3.10 2.95
N PHE G 132 10.69 3.37 4.18
CA PHE G 132 9.64 2.57 4.81
C PHE G 132 8.33 3.30 4.53
N PRO G 133 7.21 2.59 4.61
CA PRO G 133 5.97 3.35 4.34
C PRO G 133 5.77 4.44 5.39
N ALA G 134 5.20 5.56 4.96
CA ALA G 134 4.95 6.72 5.83
C ALA G 134 4.48 6.39 7.23
N LEU G 135 5.03 7.10 8.20
CA LEU G 135 4.67 6.97 9.62
C LEU G 135 4.46 8.37 10.17
N ASN G 136 3.21 8.79 10.28
CA ASN G 136 2.91 10.12 10.79
C ASN G 136 2.19 9.93 12.13
N LEU G 137 2.95 10.05 13.21
CA LEU G 137 2.41 9.86 14.56
C LEU G 137 1.07 10.53 14.78
N SER G 138 0.13 9.78 15.36
CA SER G 138 -1.20 10.30 15.64
C SER G 138 -1.16 11.34 16.76
N PRO G 139 -2.11 12.27 16.77
CA PRO G 139 -2.22 13.33 17.76
C PRO G 139 -2.08 12.79 19.17
N VAL G 140 -1.36 13.52 20.01
CA VAL G 140 -1.19 13.10 21.39
C VAL G 140 -1.92 14.09 22.29
N ASN G 141 -2.66 13.55 23.25
CA ASN G 141 -3.40 14.36 24.22
C ASN G 141 -2.48 14.58 25.41
N PHE G 142 -1.75 15.68 25.41
CA PHE G 142 -0.84 15.95 26.50
C PHE G 142 -1.54 16.33 27.81
N ASP G 143 -2.82 16.66 27.74
CA ASP G 143 -3.55 17.01 28.95
C ASP G 143 -3.55 15.80 29.89
N ALA G 144 -3.56 14.62 29.31
CA ALA G 144 -3.55 13.39 30.11
C ALA G 144 -2.25 13.28 30.89
N LEU G 145 -1.14 13.60 30.25
CA LEU G 145 0.18 13.53 30.89
C LEU G 145 0.28 14.53 32.02
N PHE G 146 -0.37 15.70 31.84
CA PHE G 146 -0.38 16.75 32.84
C PHE G 146 -1.12 16.26 34.07
N VAL G 147 -2.26 15.63 33.84
CA VAL G 147 -3.08 15.08 34.91
C VAL G 147 -2.28 14.01 35.66
N GLU G 148 -1.64 13.11 34.92
CA GLU G 148 -0.82 12.07 35.55
C GLU G 148 0.23 12.72 36.45
N TYR G 149 0.72 13.88 36.03
CA TYR G 149 1.73 14.63 36.77
C TYR G 149 1.20 15.22 38.06
N MET G 150 -0.10 15.50 38.09
CA MET G 150 -0.74 16.07 39.27
C MET G 150 -1.06 15.03 40.35
N ASN G 151 -0.88 13.75 40.02
CA ASN G 151 -1.15 12.70 40.98
C ASN G 151 0.16 12.08 41.48
N PRO H 16 27.40 -4.53 -20.30
CA PRO H 16 27.85 -3.58 -19.24
C PRO H 16 26.62 -2.85 -18.62
N VAL H 17 26.51 -2.85 -17.29
CA VAL H 17 25.34 -2.25 -16.61
C VAL H 17 25.54 -1.62 -15.22
N LEU H 18 24.96 -0.44 -15.04
CA LEU H 18 25.03 0.29 -13.78
C LEU H 18 23.73 1.02 -13.54
N GLN H 19 22.88 0.43 -12.70
CA GLN H 19 21.59 1.03 -12.39
C GLN H 19 21.38 1.15 -10.89
N ILE H 20 20.73 2.22 -10.49
CA ILE H 20 20.44 2.46 -9.09
C ILE H 20 19.05 1.89 -8.79
N GLN H 21 18.99 0.95 -7.84
CA GLN H 21 17.74 0.31 -7.49
C GLN H 21 17.01 0.96 -6.34
N ARG H 22 17.75 1.40 -5.32
CA ARG H 22 17.10 1.99 -4.17
C ARG H 22 18.12 2.76 -3.34
N ILE H 23 17.72 3.92 -2.86
CA ILE H 23 18.57 4.76 -2.05
C ILE H 23 17.92 4.88 -0.67
N TYR H 24 18.66 4.56 0.38
CA TYR H 24 18.09 4.62 1.71
C TYR H 24 19.14 4.81 2.78
N VAL H 25 18.68 5.17 3.98
CA VAL H 25 19.55 5.41 5.11
C VAL H 25 19.52 4.22 6.07
N LYS H 26 20.68 3.70 6.44
CA LYS H 26 20.73 2.55 7.35
C LYS H 26 20.85 3.01 8.80
N ASP H 27 21.56 4.12 9.00
CA ASP H 27 21.77 4.66 10.34
C ASP H 27 21.98 6.17 10.32
N VAL H 28 21.40 6.85 11.30
CA VAL H 28 21.53 8.30 11.41
C VAL H 28 21.65 8.67 12.87
N SER H 29 22.50 9.66 13.14
CA SER H 29 22.71 10.13 14.50
C SER H 29 23.12 11.59 14.51
N PHE H 30 22.48 12.37 15.36
CA PHE H 30 22.79 13.79 15.49
C PHE H 30 22.66 14.15 16.96
N GLU H 31 23.72 14.72 17.52
CA GLU H 31 23.73 15.11 18.93
C GLU H 31 24.24 16.53 19.14
N ALA H 32 23.54 17.25 20.00
CA ALA H 32 23.88 18.62 20.37
C ALA H 32 23.80 18.63 21.90
N PRO H 33 24.83 18.10 22.56
CA PRO H 33 24.96 17.98 24.01
C PRO H 33 24.80 19.26 24.82
N ASN H 34 25.46 20.32 24.39
CA ASN H 34 25.44 21.55 25.13
C ASN H 34 24.49 22.63 24.72
N LEU H 35 23.23 22.26 24.54
CA LEU H 35 22.22 23.25 24.18
C LEU H 35 21.40 23.49 25.45
N PRO H 36 20.86 24.70 25.61
CA PRO H 36 20.98 25.83 24.68
C PRO H 36 22.12 26.80 24.97
N HIS H 37 22.86 26.56 26.05
CA HIS H 37 23.95 27.48 26.41
C HIS H 37 25.05 27.70 25.38
N ILE H 38 25.40 26.67 24.61
CA ILE H 38 26.47 26.83 23.63
C ILE H 38 26.15 27.93 22.62
N PHE H 39 24.88 28.30 22.52
CA PHE H 39 24.45 29.33 21.60
C PHE H 39 24.91 30.70 22.07
N GLN H 40 25.46 30.77 23.28
CA GLN H 40 25.93 32.05 23.79
C GLN H 40 27.42 32.28 23.57
N GLN H 41 28.13 31.25 23.12
CA GLN H 41 29.55 31.38 22.85
C GLN H 41 29.72 31.94 21.45
N GLU H 42 30.92 32.45 21.15
CA GLU H 42 31.18 33.00 19.83
C GLU H 42 31.29 31.86 18.83
N TRP H 43 30.54 31.96 17.74
CA TRP H 43 30.56 30.92 16.72
C TRP H 43 31.85 30.86 15.94
N LYS H 44 32.86 30.22 16.53
CA LYS H 44 34.17 30.03 15.92
C LYS H 44 34.28 28.51 15.77
N PRO H 45 33.64 27.96 14.72
CA PRO H 45 33.61 26.53 14.41
C PRO H 45 34.89 25.85 13.93
N LYS H 46 35.10 24.63 14.43
CA LYS H 46 36.24 23.79 14.07
C LYS H 46 35.58 22.49 13.61
N LEU H 47 35.61 22.23 12.30
CA LEU H 47 34.97 21.06 11.71
C LEU H 47 35.82 19.79 11.52
N GLY H 48 35.36 18.68 12.10
CA GLY H 48 36.06 17.42 11.95
C GLY H 48 35.21 16.55 11.03
N PHE H 49 35.77 16.11 9.91
CA PHE H 49 35.02 15.32 8.92
C PHE H 49 35.68 13.99 8.60
N ASP H 50 34.97 12.90 8.86
CA ASP H 50 35.48 11.55 8.58
C ASP H 50 34.60 10.90 7.52
N LEU H 51 35.19 10.15 6.61
CA LEU H 51 34.43 9.48 5.56
C LEU H 51 35.02 8.14 5.15
N SER H 52 34.15 7.22 4.73
CA SER H 52 34.58 5.90 4.31
C SER H 52 33.40 5.20 3.64
N THR H 53 33.70 4.19 2.83
CA THR H 53 32.65 3.44 2.15
C THR H 53 32.92 1.96 2.28
N GLU H 54 31.87 1.16 2.10
CA GLU H 54 32.00 -0.29 2.17
C GLU H 54 30.92 -0.90 1.29
N THR H 55 31.25 -2.00 0.61
CA THR H 55 30.30 -2.65 -0.27
C THR H 55 29.95 -4.05 0.18
N THR H 56 28.79 -4.52 -0.26
CA THR H 56 28.31 -5.85 0.09
C THR H 56 27.47 -6.36 -1.05
N GLN H 57 27.78 -7.55 -1.55
CA GLN H 57 26.98 -8.12 -2.63
C GLN H 57 25.74 -8.64 -1.93
N VAL H 58 24.57 -8.20 -2.39
CA VAL H 58 23.32 -8.61 -1.76
C VAL H 58 22.45 -9.42 -2.72
N GLY H 59 23.02 -9.82 -3.85
CA GLY H 59 22.31 -10.59 -4.85
C GLY H 59 23.11 -10.74 -6.12
N ASP H 60 22.49 -11.34 -7.13
CA ASP H 60 23.16 -11.51 -8.42
C ASP H 60 23.28 -10.14 -9.06
N ASP H 61 24.50 -9.66 -9.21
CA ASP H 61 24.74 -8.35 -9.82
C ASP H 61 24.12 -7.23 -9.00
N LEU H 62 23.77 -7.53 -7.74
CA LEU H 62 23.20 -6.54 -6.84
C LEU H 62 24.16 -6.27 -5.70
N TYR H 63 24.58 -5.02 -5.56
CA TYR H 63 25.50 -4.64 -4.51
C TYR H 63 24.98 -3.46 -3.73
N GLU H 64 25.14 -3.52 -2.42
CA GLU H 64 24.71 -2.44 -1.56
C GLU H 64 25.98 -1.67 -1.21
N VAL H 65 26.03 -0.41 -1.63
CA VAL H 65 27.17 0.45 -1.36
C VAL H 65 26.80 1.36 -0.20
N VAL H 66 27.64 1.41 0.82
CA VAL H 66 27.35 2.26 1.98
C VAL H 66 28.39 3.36 2.14
N LEU H 67 27.89 4.59 2.25
CA LEU H 67 28.73 5.77 2.41
C LEU H 67 28.64 6.18 3.89
N ASN H 68 29.76 6.11 4.62
CA ASN H 68 29.79 6.48 6.04
C ASN H 68 30.36 7.87 6.21
N ILE H 69 29.58 8.76 6.80
CA ILE H 69 30.06 10.11 7.01
C ILE H 69 29.92 10.52 8.47
N SER H 70 31.02 11.03 9.02
CA SER H 70 31.07 11.46 10.41
C SER H 70 31.45 12.93 10.45
N VAL H 71 30.66 13.74 11.13
CA VAL H 71 30.93 15.18 11.21
C VAL H 71 30.84 15.70 12.64
N GLU H 72 31.90 16.35 13.11
CA GLU H 72 31.90 16.90 14.45
C GLU H 72 32.36 18.35 14.42
N THR H 73 31.56 19.23 15.03
CA THR H 73 31.93 20.64 15.08
C THR H 73 32.08 21.11 16.50
N THR H 74 33.20 21.77 16.77
CA THR H 74 33.48 22.29 18.09
C THR H 74 33.83 23.76 17.95
N LEU H 75 33.60 24.53 19.03
CA LEU H 75 33.91 25.96 19.03
C LEU H 75 35.33 26.07 19.60
N GLU H 76 36.22 26.73 18.84
CA GLU H 76 37.62 26.86 19.24
C GLU H 76 37.97 27.50 20.59
N ASP H 77 37.39 28.66 20.88
CA ASP H 77 37.67 29.36 22.13
C ASP H 77 37.06 28.72 23.37
N SER H 78 36.86 27.41 23.33
CA SER H 78 36.26 26.70 24.47
C SER H 78 36.40 25.17 24.34
N GLY H 79 36.50 24.69 23.12
CA GLY H 79 36.64 23.26 22.88
C GLY H 79 35.34 22.49 22.99
N ASP H 80 34.28 23.15 23.44
CA ASP H 80 32.98 22.51 23.59
C ASP H 80 32.44 21.99 22.27
N VAL H 81 31.71 20.87 22.35
CA VAL H 81 31.11 20.26 21.16
C VAL H 81 29.81 20.98 20.78
N ALA H 82 29.74 21.46 19.55
CA ALA H 82 28.54 22.14 19.09
C ALA H 82 27.55 21.03 18.72
N PHE H 83 28.00 20.13 17.84
CA PHE H 83 27.19 19.00 17.41
C PHE H 83 28.02 17.89 16.77
N ILE H 84 27.51 16.68 16.85
CA ILE H 84 28.14 15.50 16.25
C ILE H 84 27.08 14.88 15.34
N CYS H 85 27.46 14.58 14.11
CA CYS H 85 26.51 14.00 13.16
C CYS H 85 27.11 12.82 12.41
N GLU H 86 26.47 11.67 12.51
CA GLU H 86 26.92 10.47 11.82
C GLU H 86 25.84 9.96 10.90
N VAL H 87 26.22 9.69 9.66
CA VAL H 87 25.29 9.21 8.66
C VAL H 87 25.81 7.99 7.92
N LYS H 88 24.91 7.05 7.68
CA LYS H 88 25.24 5.84 6.95
C LYS H 88 24.26 5.81 5.78
N GLN H 89 24.63 6.49 4.69
CA GLN H 89 23.80 6.57 3.49
C GLN H 89 24.12 5.42 2.57
N ALA H 90 23.10 4.68 2.13
CA ALA H 90 23.33 3.54 1.25
C ALA H 90 22.50 3.53 0.00
N GLY H 91 22.85 2.60 -0.88
CA GLY H 91 22.14 2.44 -2.11
C GLY H 91 22.40 1.04 -2.65
N VAL H 92 21.40 0.46 -3.28
CA VAL H 92 21.54 -0.87 -3.87
C VAL H 92 21.65 -0.65 -5.38
N PHE H 93 22.74 -1.12 -5.97
CA PHE H 93 22.94 -0.95 -7.40
C PHE H 93 23.02 -2.28 -8.14
N THR H 94 22.63 -2.25 -9.41
CA THR H 94 22.72 -3.43 -10.27
C THR H 94 23.98 -3.13 -11.09
N ILE H 95 25.02 -3.91 -10.89
CA ILE H 95 26.28 -3.68 -11.58
C ILE H 95 26.76 -4.94 -12.28
N SER H 96 27.16 -4.81 -13.54
CA SER H 96 27.63 -5.97 -14.28
C SER H 96 28.39 -5.62 -15.55
N GLY H 97 29.29 -6.50 -15.96
CA GLY H 97 30.05 -6.29 -17.18
C GLY H 97 31.26 -5.39 -17.02
N LEU H 98 32.01 -5.61 -15.93
CA LEU H 98 33.19 -4.79 -15.67
C LEU H 98 34.38 -5.62 -15.22
N GLU H 99 35.57 -5.24 -15.70
CA GLU H 99 36.79 -5.93 -15.31
C GLU H 99 37.07 -5.60 -13.85
N ASP H 100 37.83 -6.47 -13.17
CA ASP H 100 38.17 -6.28 -11.77
C ASP H 100 38.44 -4.84 -11.32
N VAL H 101 39.26 -4.12 -12.07
CA VAL H 101 39.56 -2.74 -11.69
C VAL H 101 38.41 -1.79 -11.99
N GLN H 102 37.76 -1.97 -13.14
CA GLN H 102 36.64 -1.14 -13.53
C GLN H 102 35.58 -1.22 -12.42
N MET H 103 35.35 -2.45 -11.96
CA MET H 103 34.39 -2.72 -10.91
C MET H 103 34.79 -2.06 -9.60
N ALA H 104 36.08 -2.16 -9.27
CA ALA H 104 36.59 -1.59 -8.03
C ALA H 104 36.40 -0.08 -8.01
N HIS H 105 36.57 0.55 -9.17
CA HIS H 105 36.40 1.98 -9.29
C HIS H 105 34.93 2.33 -9.11
N CYS H 106 34.06 1.51 -9.69
CA CYS H 106 32.63 1.74 -9.60
C CYS H 106 32.13 1.63 -8.16
N LEU H 107 32.63 0.64 -7.41
CA LEU H 107 32.20 0.43 -6.03
C LEU H 107 32.78 1.38 -5.00
N THR H 108 33.96 1.93 -5.26
CA THR H 108 34.56 2.84 -4.30
C THR H 108 34.59 4.30 -4.71
N SER H 109 34.22 4.58 -5.95
CA SER H 109 34.21 5.96 -6.43
C SER H 109 32.88 6.35 -7.07
N GLN H 110 32.54 5.71 -8.19
CA GLN H 110 31.29 6.01 -8.91
C GLN H 110 30.05 6.02 -8.04
N CYS H 111 29.81 4.88 -7.38
CA CYS H 111 28.66 4.71 -6.53
C CYS H 111 28.66 5.63 -5.32
N PRO H 112 29.72 5.61 -4.51
CA PRO H 112 29.69 6.51 -3.35
C PRO H 112 29.44 7.96 -3.78
N ASN H 113 29.94 8.31 -4.95
CA ASN H 113 29.77 9.65 -5.51
C ASN H 113 28.31 9.98 -5.76
N MET H 114 27.54 8.98 -6.19
CA MET H 114 26.12 9.17 -6.45
C MET H 114 25.36 9.34 -5.13
N LEU H 115 25.85 8.67 -4.10
CA LEU H 115 25.20 8.75 -2.79
C LEU H 115 25.60 9.97 -1.98
N PHE H 116 26.72 10.59 -2.30
CA PHE H 116 27.19 11.73 -1.53
C PHE H 116 26.18 12.89 -1.39
N PRO H 117 25.68 13.42 -2.51
CA PRO H 117 24.72 14.53 -2.39
C PRO H 117 23.50 14.22 -1.52
N TYR H 118 23.13 12.95 -1.41
CA TYR H 118 22.00 12.60 -0.56
C TYR H 118 22.45 12.71 0.90
N ALA H 119 23.66 12.25 1.20
CA ALA H 119 24.20 12.33 2.55
C ALA H 119 24.41 13.79 2.94
N ARG H 120 24.82 14.59 1.95
CA ARG H 120 25.06 16.01 2.18
C ARG H 120 23.79 16.66 2.69
N GLU H 121 22.70 16.44 1.95
CA GLU H 121 21.42 17.01 2.29
C GLU H 121 20.94 16.53 3.66
N LEU H 122 21.22 15.27 4.00
CA LEU H 122 20.81 14.73 5.29
C LEU H 122 21.56 15.48 6.41
N VAL H 123 22.87 15.62 6.24
CA VAL H 123 23.71 16.30 7.21
C VAL H 123 23.19 17.73 7.38
N SER H 124 22.97 18.38 6.25
CA SER H 124 22.46 19.75 6.24
C SER H 124 21.11 19.89 6.94
N ASN H 125 20.21 18.95 6.68
CA ASN H 125 18.87 18.97 7.26
C ASN H 125 18.94 18.87 8.77
N LEU H 126 19.71 17.91 9.26
CA LEU H 126 19.88 17.69 10.70
C LEU H 126 20.53 18.88 11.41
N VAL H 127 21.59 19.42 10.81
CA VAL H 127 22.29 20.56 11.40
C VAL H 127 21.32 21.71 11.56
N ASN H 128 20.51 21.97 10.55
CA ASN H 128 19.56 23.06 10.64
C ASN H 128 18.56 22.82 11.76
N ARG H 129 18.20 21.57 12.00
CA ARG H 129 17.23 21.24 13.05
C ARG H 129 17.77 21.64 14.42
N GLY H 130 19.10 21.77 14.50
CA GLY H 130 19.72 22.15 15.76
C GLY H 130 19.93 23.67 15.80
N THR H 131 19.41 24.35 14.79
CA THR H 131 19.50 25.79 14.62
C THR H 131 20.95 26.28 14.59
N PHE H 132 21.83 25.49 13.98
CA PHE H 132 23.24 25.89 13.84
C PHE H 132 23.38 26.49 12.45
N PRO H 133 24.41 27.32 12.23
CA PRO H 133 24.52 27.88 10.88
C PRO H 133 24.72 26.76 9.88
N ALA H 134 24.15 26.95 8.69
CA ALA H 134 24.22 25.98 7.60
C ALA H 134 25.58 25.28 7.45
N LEU H 135 25.53 23.98 7.20
CA LEU H 135 26.73 23.18 6.97
C LEU H 135 26.49 22.33 5.73
N ASN H 136 27.07 22.74 4.61
CA ASN H 136 26.90 21.98 3.38
C ASN H 136 28.23 21.40 2.96
N LEU H 137 28.45 20.15 3.31
CA LEU H 137 29.68 19.43 3.01
C LEU H 137 30.21 19.75 1.61
N SER H 138 31.50 20.09 1.52
CA SER H 138 32.11 20.41 0.24
C SER H 138 32.29 19.12 -0.56
N PRO H 139 32.23 19.22 -1.89
CA PRO H 139 32.40 18.05 -2.76
C PRO H 139 33.62 17.21 -2.42
N VAL H 140 33.45 15.90 -2.50
CA VAL H 140 34.55 14.98 -2.23
C VAL H 140 34.95 14.29 -3.53
N ASN H 141 36.24 14.11 -3.74
CA ASN H 141 36.71 13.44 -4.93
C ASN H 141 37.09 12.02 -4.54
N PHE H 142 36.18 11.09 -4.81
CA PHE H 142 36.36 9.69 -4.48
C PHE H 142 37.42 9.00 -5.31
N ASP H 143 37.76 9.58 -6.46
CA ASP H 143 38.79 8.99 -7.30
C ASP H 143 40.08 8.81 -6.52
N ALA H 144 40.21 9.54 -5.42
CA ALA H 144 41.40 9.41 -4.58
C ALA H 144 41.19 8.24 -3.62
N LEU H 145 39.93 8.02 -3.25
CA LEU H 145 39.58 6.90 -2.36
C LEU H 145 39.79 5.60 -3.12
N PHE H 146 39.90 5.73 -4.45
CA PHE H 146 40.11 4.60 -5.35
C PHE H 146 41.61 4.40 -5.51
N VAL H 147 42.33 5.50 -5.70
CA VAL H 147 43.79 5.48 -5.85
C VAL H 147 44.45 4.99 -4.56
N GLU H 148 44.00 5.54 -3.43
CA GLU H 148 44.52 5.16 -2.13
C GLU H 148 43.97 3.81 -1.71
N TYR H 149 43.06 3.29 -2.52
CA TYR H 149 42.46 1.99 -2.28
C TYR H 149 43.28 0.92 -2.96
N MET H 150 43.38 1.04 -4.29
CA MET H 150 44.14 0.10 -5.11
C MET H 150 45.46 -0.21 -4.42
N ASN H 151 46.23 0.84 -4.16
CA ASN H 151 47.51 0.68 -3.50
C ASN H 151 47.24 -0.10 -2.20
N ILE I 2 10.09 -30.42 -18.86
CA ILE I 2 9.69 -29.18 -19.61
C ILE I 2 8.27 -28.71 -19.31
N GLY I 3 8.16 -27.64 -18.52
CA GLY I 3 6.87 -27.09 -18.13
C GLY I 3 5.95 -26.62 -19.24
N ARG I 4 4.65 -26.68 -18.97
CA ARG I 4 3.66 -26.26 -19.94
C ARG I 4 3.82 -24.79 -20.32
N ASN I 5 4.37 -24.00 -19.38
CA ASN I 5 4.59 -22.56 -19.60
C ASN I 5 5.93 -22.23 -20.21
N GLU I 6 6.85 -23.18 -20.19
CA GLU I 6 8.17 -22.96 -20.75
C GLU I 6 8.07 -22.53 -22.21
N PRO I 7 9.12 -21.89 -22.73
CA PRO I 7 9.16 -21.43 -24.13
C PRO I 7 9.33 -22.68 -24.98
N CYS I 8 8.45 -22.89 -25.96
CA CYS I 8 8.57 -24.10 -26.77
C CYS I 8 9.94 -24.24 -27.42
N PRO I 9 10.57 -25.41 -27.24
CA PRO I 9 11.89 -25.61 -27.83
C PRO I 9 11.87 -25.62 -29.36
N CYS I 10 11.61 -24.45 -29.94
CA CYS I 10 11.57 -24.28 -31.40
C CYS I 10 11.48 -22.79 -31.75
N GLY I 11 11.88 -21.95 -30.80
CA GLY I 11 11.88 -20.51 -30.98
C GLY I 11 10.64 -19.86 -31.58
N SER I 12 9.47 -20.43 -31.34
CA SER I 12 8.26 -19.85 -31.89
C SER I 12 7.83 -18.70 -30.99
N GLY I 13 8.30 -18.73 -29.75
CA GLY I 13 7.91 -17.72 -28.80
C GLY I 13 6.61 -18.20 -28.16
N LYS I 14 6.05 -19.24 -28.76
CA LYS I 14 4.84 -19.87 -28.28
C LYS I 14 5.24 -20.61 -27.01
N LYS I 15 4.28 -20.87 -26.15
CA LYS I 15 4.56 -21.61 -24.93
C LYS I 15 4.47 -23.07 -25.35
N TYR I 16 5.23 -23.92 -24.67
CA TYR I 16 5.21 -25.33 -25.00
C TYR I 16 3.77 -25.84 -25.23
N LYS I 17 2.85 -25.47 -24.34
CA LYS I 17 1.45 -25.90 -24.40
C LYS I 17 0.58 -25.31 -25.52
N HIS I 18 1.08 -24.27 -26.18
CA HIS I 18 0.30 -23.62 -27.25
C HIS I 18 0.98 -23.78 -28.57
N CYS I 19 1.95 -24.70 -28.60
CA CYS I 19 2.74 -24.99 -29.79
C CYS I 19 2.91 -26.51 -29.90
N HIS I 20 4.15 -26.99 -29.78
CA HIS I 20 4.47 -28.42 -29.88
C HIS I 20 3.93 -29.26 -28.73
N GLY I 21 3.46 -28.61 -27.66
CA GLY I 21 2.94 -29.34 -26.53
C GLY I 21 1.44 -29.37 -26.45
N SER I 22 0.74 -28.73 -27.38
CA SER I 22 -0.72 -28.71 -27.36
C SER I 22 -1.27 -30.12 -27.29
N ARG I 23 -2.50 -30.26 -26.80
CA ARG I 23 -3.18 -31.56 -26.68
C ARG I 23 -4.60 -31.49 -27.23
N VAL I 24 -4.92 -30.37 -27.88
CA VAL I 24 -6.24 -30.18 -28.45
C VAL I 24 -6.62 -31.37 -29.34
N ALA I 25 -7.91 -31.60 -29.54
CA ALA I 25 -8.39 -32.71 -30.37
C ALA I 25 -9.79 -32.47 -30.93
N ILE J 2 -35.86 -8.58 5.37
CA ILE J 2 -35.01 -9.07 6.51
C ILE J 2 -33.81 -9.91 6.04
N GLY J 3 -32.61 -9.30 6.08
CA GLY J 3 -31.39 -9.94 5.64
C GLY J 3 -30.69 -11.00 6.50
N ARG J 4 -30.12 -12.00 5.83
CA ARG J 4 -29.45 -13.11 6.51
C ARG J 4 -28.42 -12.65 7.53
N ASN J 5 -27.58 -11.67 7.18
CA ASN J 5 -26.55 -11.14 8.10
C ASN J 5 -27.06 -10.12 9.09
N GLU J 6 -28.32 -9.72 8.92
CA GLU J 6 -28.95 -8.73 9.79
C GLU J 6 -29.26 -9.27 11.18
N PRO J 7 -29.10 -8.41 12.20
CA PRO J 7 -29.38 -8.80 13.59
C PRO J 7 -30.82 -9.34 13.64
N CYS J 8 -31.04 -10.46 14.33
CA CYS J 8 -32.38 -11.02 14.37
C CYS J 8 -33.38 -10.20 15.17
N PRO J 9 -34.61 -10.06 14.62
CA PRO J 9 -35.68 -9.31 15.27
C PRO J 9 -36.10 -10.09 16.52
N CYS J 10 -35.47 -9.76 17.64
CA CYS J 10 -35.76 -10.40 18.91
C CYS J 10 -34.52 -10.32 19.79
N GLY J 11 -33.82 -9.21 19.71
CA GLY J 11 -32.63 -9.00 20.52
C GLY J 11 -31.80 -10.21 20.93
N SER J 12 -31.72 -11.23 20.08
CA SER J 12 -30.93 -12.41 20.39
C SER J 12 -29.48 -12.00 20.33
N GLY J 13 -29.14 -11.27 19.28
CA GLY J 13 -27.77 -10.84 19.07
C GLY J 13 -27.30 -11.62 17.87
N LYS J 14 -27.92 -12.78 17.66
CA LYS J 14 -27.61 -13.67 16.56
C LYS J 14 -28.08 -13.09 15.23
N LYS J 15 -27.33 -13.38 14.16
CA LYS J 15 -27.71 -12.94 12.84
C LYS J 15 -29.03 -13.64 12.55
N TYR J 16 -29.93 -12.92 11.88
CA TYR J 16 -31.23 -13.48 11.55
C TYR J 16 -31.14 -14.93 11.04
N LYS J 17 -30.08 -15.28 10.30
CA LYS J 17 -29.91 -16.64 9.75
C LYS J 17 -29.50 -17.69 10.79
N HIS J 18 -29.11 -17.20 11.96
CA HIS J 18 -28.67 -18.07 13.05
C HIS J 18 -29.73 -18.05 14.16
N CYS J 19 -30.89 -17.47 13.85
CA CYS J 19 -31.98 -17.39 14.82
C CYS J 19 -33.31 -17.72 14.13
N HIS J 20 -34.12 -16.69 13.87
CA HIS J 20 -35.43 -16.86 13.25
C HIS J 20 -35.43 -16.96 11.71
N GLY J 21 -34.25 -17.15 11.12
CA GLY J 21 -34.14 -17.28 9.67
C GLY J 21 -33.43 -18.56 9.24
N SER J 22 -33.15 -19.44 10.20
CA SER J 22 -32.45 -20.71 9.93
C SER J 22 -33.28 -21.64 9.07
N ARG J 23 -32.60 -22.36 8.17
CA ARG J 23 -33.27 -23.31 7.29
C ARG J 23 -32.76 -24.72 7.60
N VAL J 24 -32.13 -24.86 8.77
CA VAL J 24 -31.60 -26.15 9.19
C VAL J 24 -32.80 -27.08 9.31
N ALA J 25 -32.95 -27.97 8.33
CA ALA J 25 -34.06 -28.92 8.31
C ALA J 25 -34.08 -29.84 9.54
ZN ZN K . 6.96 -25.37 -30.99
ZN ZN L . -34.45 -14.55 16.61
#